data_1IXJ
# 
_entry.id   1IXJ 
# 
_audit_conform.dict_name       mmcif_pdbx.dic 
_audit_conform.dict_version    5.383 
_audit_conform.dict_location   http://mmcif.pdb.org/dictionaries/ascii/mmcif_pdbx.dic 
# 
loop_
_database_2.database_id 
_database_2.database_code 
_database_2.pdbx_database_accession 
_database_2.pdbx_DOI 
PDB   1IXJ         pdb_00001ixj 10.2210/pdb1ixj/pdb 
NDB   UD0020       ?            ?                   
RCSB  RCSB005375   ?            ?                   
WWPDB D_1000005375 ?            ?                   
# 
loop_
_pdbx_audit_revision_history.ordinal 
_pdbx_audit_revision_history.data_content_type 
_pdbx_audit_revision_history.major_revision 
_pdbx_audit_revision_history.minor_revision 
_pdbx_audit_revision_history.revision_date 
1 'Structure model' 1 0 2002-12-11 
2 'Structure model' 1 1 2008-04-27 
3 'Structure model' 1 2 2011-07-13 
4 'Structure model' 1 3 2023-12-27 
# 
_pdbx_audit_revision_details.ordinal             1 
_pdbx_audit_revision_details.revision_ordinal    1 
_pdbx_audit_revision_details.data_content_type   'Structure model' 
_pdbx_audit_revision_details.provider            repository 
_pdbx_audit_revision_details.type                'Initial release' 
_pdbx_audit_revision_details.description         ? 
_pdbx_audit_revision_details.details             ? 
# 
loop_
_pdbx_audit_revision_group.ordinal 
_pdbx_audit_revision_group.revision_ordinal 
_pdbx_audit_revision_group.data_content_type 
_pdbx_audit_revision_group.group 
1 2 'Structure model' 'Version format compliance' 
2 3 'Structure model' 'Version format compliance' 
3 4 'Structure model' 'Data collection'           
4 4 'Structure model' 'Database references'       
5 4 'Structure model' 'Derived calculations'      
# 
loop_
_pdbx_audit_revision_category.ordinal 
_pdbx_audit_revision_category.revision_ordinal 
_pdbx_audit_revision_category.data_content_type 
_pdbx_audit_revision_category.category 
1 4 'Structure model' chem_comp_atom         
2 4 'Structure model' chem_comp_bond         
3 4 'Structure model' database_2             
4 4 'Structure model' pdbx_struct_conn_angle 
5 4 'Structure model' struct_conn            
6 4 'Structure model' struct_site            
# 
loop_
_pdbx_audit_revision_item.ordinal 
_pdbx_audit_revision_item.revision_ordinal 
_pdbx_audit_revision_item.data_content_type 
_pdbx_audit_revision_item.item 
1  4 'Structure model' '_database_2.pdbx_DOI'                      
2  4 'Structure model' '_database_2.pdbx_database_accession'       
3  4 'Structure model' '_pdbx_struct_conn_angle.ptnr1_auth_seq_id' 
4  4 'Structure model' '_pdbx_struct_conn_angle.ptnr1_symmetry'    
5  4 'Structure model' '_pdbx_struct_conn_angle.ptnr3_auth_seq_id' 
6  4 'Structure model' '_pdbx_struct_conn_angle.ptnr3_symmetry'    
7  4 'Structure model' '_pdbx_struct_conn_angle.value'             
8  4 'Structure model' '_struct_conn.pdbx_dist_value'              
9  4 'Structure model' '_struct_conn.ptnr1_auth_seq_id'            
10 4 'Structure model' '_struct_conn.ptnr1_label_asym_id'          
11 4 'Structure model' '_struct_conn.ptnr2_auth_seq_id'            
12 4 'Structure model' '_struct_conn.ptnr2_symmetry'               
13 4 'Structure model' '_struct_site.pdbx_auth_asym_id'            
14 4 'Structure model' '_struct_site.pdbx_auth_comp_id'            
15 4 'Structure model' '_struct_site.pdbx_auth_seq_id'             
# 
_pdbx_database_status.status_code                     REL 
_pdbx_database_status.entry_id                        1IXJ 
_pdbx_database_status.recvd_initial_deposition_date   2002-06-22 
_pdbx_database_status.deposit_site                    PDBJ 
_pdbx_database_status.process_site                    RCSB 
_pdbx_database_status.SG_entry                        . 
_pdbx_database_status.pdb_format_compatible           Y 
_pdbx_database_status.status_code_mr                  ? 
_pdbx_database_status.status_code_sf                  ? 
_pdbx_database_status.status_code_cs                  ? 
_pdbx_database_status.status_code_nmr_data            ? 
_pdbx_database_status.methods_development_category    ? 
# 
loop_
_audit_author.name 
_audit_author.pdbx_ordinal 
'Sunami, T.'   1 
'Kondo, J.'    2 
'Kobuna, T.'   3 
'Hirao, I.'    4 
'Watanabe, K.' 5 
'Miura, K.'    6 
'Takenaka, A.' 7 
# 
_citation.id                        primary 
_citation.title                     
;Crystal Structure of d(GCGAAAGCT) Containing a Parallel-stranded Duplex with Homo Base Pairs and an Anti-Parallel Duplex with Watson-Crick Base pairs
;
_citation.journal_abbrev            'Nucleic Acids Res.' 
_citation.journal_volume            30 
_citation.page_first                5253 
_citation.page_last                 5260 
_citation.year                      2002 
_citation.journal_id_ASTM           NARHAD 
_citation.country                   UK 
_citation.journal_id_ISSN           0305-1048 
_citation.journal_id_CSD            0389 
_citation.book_publisher            ? 
_citation.pdbx_database_id_PubMed   12466550 
_citation.pdbx_database_id_DOI      10.1093/nar/gkf639 
# 
loop_
_citation_author.citation_id 
_citation_author.name 
_citation_author.ordinal 
_citation_author.identifier_ORCID 
primary 'Sunami, T.'   1 ? 
primary 'Kondo, J.'    2 ? 
primary 'Kobuna, T.'   3 ? 
primary 'Hirao, I.'    4 ? 
primary 'Watanabe, K.' 5 ? 
primary 'Miura, K.'    6 ? 
primary 'Takenaka, A.' 7 ? 
# 
loop_
_entity.id 
_entity.type 
_entity.src_method 
_entity.pdbx_description 
_entity.formula_weight 
_entity.pdbx_number_of_molecules 
_entity.pdbx_ec 
_entity.pdbx_mutation 
_entity.pdbx_fragment 
_entity.details 
1 polymer     syn "5'-D(*GP*CP*GP*AP*AP*AP*GP*CP*T)-3'" 2764.837 1  ? ? ? ? 
2 non-polymer syn 'MAGNESIUM ION'                       24.305   2  ? ? ? ? 
3 non-polymer syn 'COBALT HEXAMMINE(III)'               161.116  1  ? ? ? ? 
4 water       nat water                                 18.015   19 ? ? ? ? 
# 
_entity_poly.entity_id                      1 
_entity_poly.type                           polydeoxyribonucleotide 
_entity_poly.nstd_linkage                   no 
_entity_poly.nstd_monomer                   no 
_entity_poly.pdbx_seq_one_letter_code       '(DG)(DC)(DG)(DA)(DA)(DA)(DG)(DC)(DT)' 
_entity_poly.pdbx_seq_one_letter_code_can   GCGAAAGCT 
_entity_poly.pdbx_strand_id                 A 
_entity_poly.pdbx_target_identifier         ? 
# 
loop_
_pdbx_entity_nonpoly.entity_id 
_pdbx_entity_nonpoly.name 
_pdbx_entity_nonpoly.comp_id 
2 'MAGNESIUM ION'         MG  
3 'COBALT HEXAMMINE(III)' NCO 
4 water                   HOH 
# 
loop_
_entity_poly_seq.entity_id 
_entity_poly_seq.num 
_entity_poly_seq.mon_id 
_entity_poly_seq.hetero 
1 1 DG n 
1 2 DC n 
1 3 DG n 
1 4 DA n 
1 5 DA n 
1 6 DA n 
1 7 DG n 
1 8 DC n 
1 9 DT n 
# 
loop_
_chem_comp.id 
_chem_comp.type 
_chem_comp.mon_nstd_flag 
_chem_comp.name 
_chem_comp.pdbx_synonyms 
_chem_comp.formula 
_chem_comp.formula_weight 
DA  'DNA linking' y "2'-DEOXYADENOSINE-5'-MONOPHOSPHATE" ? 'C10 H14 N5 O6 P' 331.222 
DC  'DNA linking' y "2'-DEOXYCYTIDINE-5'-MONOPHOSPHATE"  ? 'C9 H14 N3 O7 P'  307.197 
DG  'DNA linking' y "2'-DEOXYGUANOSINE-5'-MONOPHOSPHATE" ? 'C10 H14 N5 O7 P' 347.221 
DT  'DNA linking' y "THYMIDINE-5'-MONOPHOSPHATE"         ? 'C10 H15 N2 O8 P' 322.208 
HOH non-polymer   . WATER                                ? 'H2 O'            18.015  
MG  non-polymer   . 'MAGNESIUM ION'                      ? 'Mg 2'            24.305  
NCO non-polymer   . 'COBALT HEXAMMINE(III)'              ? 'Co H18 N6 3'     161.116 
# 
loop_
_pdbx_poly_seq_scheme.asym_id 
_pdbx_poly_seq_scheme.entity_id 
_pdbx_poly_seq_scheme.seq_id 
_pdbx_poly_seq_scheme.mon_id 
_pdbx_poly_seq_scheme.ndb_seq_num 
_pdbx_poly_seq_scheme.pdb_seq_num 
_pdbx_poly_seq_scheme.auth_seq_num 
_pdbx_poly_seq_scheme.pdb_mon_id 
_pdbx_poly_seq_scheme.auth_mon_id 
_pdbx_poly_seq_scheme.pdb_strand_id 
_pdbx_poly_seq_scheme.pdb_ins_code 
_pdbx_poly_seq_scheme.hetero 
A 1 1 DG 1 1 1 DG G A . n 
A 1 2 DC 2 2 2 DC C A . n 
A 1 3 DG 3 3 3 DG G A . n 
A 1 4 DA 4 4 4 DA A A . n 
A 1 5 DA 5 5 5 DA A A . n 
A 1 6 DA 6 6 6 DA A A . n 
A 1 7 DG 7 7 7 DG G A . n 
A 1 8 DC 8 8 8 DC C A . n 
A 1 9 DT 9 9 9 DT T A . n 
# 
loop_
_pdbx_nonpoly_scheme.asym_id 
_pdbx_nonpoly_scheme.entity_id 
_pdbx_nonpoly_scheme.mon_id 
_pdbx_nonpoly_scheme.ndb_seq_num 
_pdbx_nonpoly_scheme.pdb_seq_num 
_pdbx_nonpoly_scheme.auth_seq_num 
_pdbx_nonpoly_scheme.pdb_mon_id 
_pdbx_nonpoly_scheme.auth_mon_id 
_pdbx_nonpoly_scheme.pdb_strand_id 
_pdbx_nonpoly_scheme.pdb_ins_code 
B 2 MG  1  10 9  MG  MO6 A . 
C 2 MG  1  11 10 MG  MO6 A . 
D 3 NCO 1  12 8  NCO NCO A . 
E 4 HOH 1  13 1  HOH HOH A . 
E 4 HOH 2  14 2  HOH HOH A . 
E 4 HOH 3  15 3  HOH HOH A . 
E 4 HOH 4  16 4  HOH HOH A . 
E 4 HOH 5  17 5  HOH HOH A . 
E 4 HOH 6  18 6  HOH HOH A . 
E 4 HOH 7  19 7  HOH HOH A . 
E 4 HOH 8  20 9  HOH MO6 A . 
E 4 HOH 9  21 9  HOH MO6 A . 
E 4 HOH 10 22 9  HOH MO6 A . 
E 4 HOH 11 23 9  HOH MO6 A . 
E 4 HOH 12 24 9  HOH MO6 A . 
E 4 HOH 13 25 9  HOH MO6 A . 
E 4 HOH 14 26 10 HOH MO6 A . 
E 4 HOH 15 27 10 HOH MO6 A . 
E 4 HOH 16 28 10 HOH MO6 A . 
E 4 HOH 17 29 10 HOH MO6 A . 
E 4 HOH 18 30 10 HOH MO6 A . 
E 4 HOH 19 31 10 HOH MO6 A . 
# 
loop_
_software.name 
_software.classification 
_software.version 
_software.citation_id 
_software.pdbx_ordinal 
MOSFLM 'data reduction' .         ? 1 
SCALA  'data scaling'   .         ? 2 
SOLVE  phasing          .         ? 3 
CNS    refinement       .         ? 4 
CCP4   'data scaling'   '(SCALA)' ? 5 
# 
_cell.entry_id           1IXJ 
_cell.length_a           53.4 
_cell.length_b           53.4 
_cell.length_c           54.0 
_cell.angle_alpha        90.00 
_cell.angle_beta         90.00 
_cell.angle_gamma        90.00 
_cell.Z_PDB              16 
_cell.pdbx_unique_axis   ? 
# 
_symmetry.entry_id                         1IXJ 
_symmetry.space_group_name_H-M             'I 41 2 2' 
_symmetry.pdbx_full_space_group_name_H-M   ? 
_symmetry.cell_setting                     ? 
_symmetry.Int_Tables_number                98 
# 
_exptl.entry_id          1IXJ 
_exptl.method            'X-RAY DIFFRACTION' 
_exptl.crystals_number   2 
# 
_exptl_crystal.id                    1 
_exptl_crystal.density_meas          ? 
_exptl_crystal.density_percent_sol   63.03 
_exptl_crystal.density_Matthews      3.33 
_exptl_crystal.description           ? 
# 
_exptl_crystal_grow.crystal_id      1 
_exptl_crystal_grow.method          'VAPOR DIFFUSION, HANGING DROP' 
_exptl_crystal_grow.temp            293 
_exptl_crystal_grow.temp_details    ? 
_exptl_crystal_grow.pH              6 
_exptl_crystal_grow.pdbx_details    
;2,6-diaminopyridine, magnesium chloride, sodium chloride, hexaamminecobalt(III) chloride, 2-methyl-2,4-pentanediol, MEGA-10, sodium cacodylate, VAPOR DIFFUSION, HANGING DROP, temperature 293K
;
_exptl_crystal_grow.pdbx_pH_range   . 
# 
loop_
_exptl_crystal_grow_comp.crystal_id 
_exptl_crystal_grow_comp.id 
_exptl_crystal_grow_comp.sol_id 
_exptl_crystal_grow_comp.name 
_exptl_crystal_grow_comp.conc 
_exptl_crystal_grow_comp.volume 
_exptl_crystal_grow_comp.details 
1 1 1 2,6-diaminopyridine              ? ? ? 
1 2 1 MgCl2                            ? ? ? 
1 3 1 NaCl                             ? ? ? 
1 4 1 'hexaamminecobalt(III) chloride' ? ? ? 
1 5 1 2-methyl-2,4-pentanediol         ? ? ? 
1 6 1 MEGA-10                          ? ? ? 
1 7 1 'sodium cacodylate'              ? ? ? 
# 
loop_
_diffrn.id 
_diffrn.ambient_temp 
_diffrn.ambient_temp_details 
_diffrn.crystal_id 
1 100 ? 1 
2 100 ? 1 
# 
loop_
_diffrn_detector.diffrn_id 
_diffrn_detector.detector 
_diffrn_detector.type 
_diffrn_detector.pdbx_collection_date 
_diffrn_detector.details 
1 CCD 'ADSC QUANTUM 4' 2000-12-08 ? 
2 CCD 'OXFORD PX210'   2001-11-11 ? 
# 
_diffrn_radiation.diffrn_id                        1 
_diffrn_radiation.wavelength_id                    1 
_diffrn_radiation.pdbx_monochromatic_or_laue_m_l   M 
_diffrn_radiation.monochromator                    ? 
_diffrn_radiation.pdbx_diffrn_protocol             'SINGLE WAVELENGTH' 
_diffrn_radiation.pdbx_scattering_type             x-ray 
# 
loop_
_diffrn_radiation_wavelength.id 
_diffrn_radiation_wavelength.wavelength 
_diffrn_radiation_wavelength.wt 
1 1.00  1.0 
2 0.900 1.0 
# 
loop_
_diffrn_source.diffrn_id 
_diffrn_source.source 
_diffrn_source.type 
_diffrn_source.pdbx_synchrotron_site 
_diffrn_source.pdbx_synchrotron_beamline 
_diffrn_source.pdbx_wavelength 
_diffrn_source.pdbx_wavelength_list 
1 SYNCHROTRON 'PHOTON FACTORY BEAMLINE BL-18B' 'Photon Factory' BL-18B ? 1.00  
2 SYNCHROTRON 'SPRING-8 BEAMLINE BL44XU'       SPring-8         BL44XU ? 0.900 
# 
_reflns.entry_id                     1IXJ 
_reflns.observed_criterion_sigma_F   ? 
_reflns.observed_criterion_sigma_I   3 
_reflns.d_resolution_high            2.4 
_reflns.d_resolution_low             37.9 
_reflns.number_all                   1689 
_reflns.number_obs                   1676 
_reflns.percent_possible_obs         100 
_reflns.pdbx_Rmerge_I_obs            0.068 
_reflns.pdbx_Rsym_value              ? 
_reflns.pdbx_netI_over_sigmaI        ? 
_reflns.B_iso_Wilson_estimate        ? 
_reflns.pdbx_redundancy              ? 
_reflns.R_free_details               ? 
_reflns.pdbx_diffrn_id               1 
_reflns.pdbx_ordinal                 1 
# 
_reflns_shell.d_res_high             2.4 
_reflns_shell.d_res_low              2.52 
_reflns_shell.percent_possible_all   100 
_reflns_shell.Rmerge_I_obs           0.239 
_reflns_shell.pdbx_Rsym_value        ? 
_reflns_shell.meanI_over_sigI_obs    2.7 
_reflns_shell.pdbx_redundancy        ? 
_reflns_shell.percent_possible_obs   ? 
_reflns_shell.number_unique_all      ? 
_reflns_shell.pdbx_diffrn_id         ? 
_reflns_shell.pdbx_ordinal           1 
# 
_refine.entry_id                                 1IXJ 
_refine.ls_d_res_high                            2.5 
_refine.ls_d_res_low                             9 
_refine.pdbx_ls_sigma_F                          3 
_refine.pdbx_ls_sigma_I                          ? 
_refine.ls_number_reflns_all                     1415 
_refine.ls_number_reflns_obs                     1333 
_refine.ls_number_reflns_R_free                  130 
_refine.ls_percent_reflns_obs                    ? 
_refine.ls_R_factor_all                          ? 
_refine.ls_R_factor_obs                          ? 
_refine.ls_R_factor_R_work                       0.215 
_refine.ls_R_factor_R_free                       0.257 
_refine.ls_redundancy_reflns_obs                 ? 
_refine.pdbx_data_cutoff_high_absF               ? 
_refine.pdbx_data_cutoff_low_absF                ? 
_refine.ls_number_parameters                     ? 
_refine.ls_number_restraints                     ? 
_refine.ls_percent_reflns_R_free                 ? 
_refine.ls_R_factor_R_free_error                 ? 
_refine.ls_R_factor_R_free_error_details         ? 
_refine.pdbx_method_to_determine_struct          MAD 
_refine.pdbx_starting_model                      ? 
_refine.pdbx_ls_cross_valid_method               ? 
_refine.pdbx_R_Free_selection_details            RANDOM 
_refine.pdbx_stereochem_target_val_spec_case     ? 
_refine.pdbx_stereochemistry_target_values       'G. PARKINSON ET AL., (1996) ACTACRYST. D52, 57-64' 
_refine.solvent_model_details                    ? 
_refine.solvent_model_param_bsol                 ? 
_refine.solvent_model_param_ksol                 ? 
_refine.occupancy_max                            ? 
_refine.occupancy_min                            ? 
_refine.pdbx_isotropic_thermal_model             ? 
_refine.B_iso_mean                               ? 
_refine.aniso_B[1][1]                            ? 
_refine.aniso_B[1][2]                            ? 
_refine.aniso_B[1][3]                            ? 
_refine.aniso_B[2][2]                            ? 
_refine.aniso_B[2][3]                            ? 
_refine.aniso_B[3][3]                            ? 
_refine.details                                  
;The C1*-C2*-C3* angle of the G7 residue is slightly small due to 
large temperature factor of the C8 residue.
;
_refine.correlation_coeff_Fo_to_Fc               ? 
_refine.correlation_coeff_Fo_to_Fc_free          ? 
_refine.pdbx_solvent_vdw_probe_radii             ? 
_refine.pdbx_solvent_ion_probe_radii             ? 
_refine.pdbx_solvent_shrinkage_radii             ? 
_refine.overall_SU_R_Cruickshank_DPI             ? 
_refine.overall_SU_R_free                        ? 
_refine.overall_SU_B                             ? 
_refine.overall_SU_ML                            ? 
_refine.pdbx_overall_ESU_R                       ? 
_refine.pdbx_overall_ESU_R_Free                  ? 
_refine.pdbx_data_cutoff_high_rms_absF           ? 
_refine.pdbx_refine_id                           'X-RAY DIFFRACTION' 
_refine.pdbx_diffrn_id                           1 
_refine.pdbx_TLS_residual_ADP_flag               ? 
_refine.pdbx_overall_phase_error                 ? 
_refine.pdbx_overall_SU_R_free_Cruickshank_DPI   ? 
_refine.pdbx_overall_SU_R_Blow_DPI               ? 
_refine.pdbx_overall_SU_R_free_Blow_DPI          ? 
# 
_refine_hist.pdbx_refine_id                   'X-RAY DIFFRACTION' 
_refine_hist.cycle_id                         LAST 
_refine_hist.pdbx_number_atoms_protein        0 
_refine_hist.pdbx_number_atoms_nucleic_acid   184 
_refine_hist.pdbx_number_atoms_ligand         21 
_refine_hist.number_atoms_solvent             7 
_refine_hist.number_atoms_total               212 
_refine_hist.d_res_high                       2.5 
_refine_hist.d_res_low                        9 
# 
loop_
_refine_ls_restr.type 
_refine_ls_restr.dev_ideal 
_refine_ls_restr.dev_ideal_target 
_refine_ls_restr.weight 
_refine_ls_restr.number 
_refine_ls_restr.pdbx_refine_id 
_refine_ls_restr.pdbx_restraint_function 
c_angle_deg 0.9   ? ? ? 'X-RAY DIFFRACTION' ? 
c_bond_d    0.005 ? ? ? 'X-RAY DIFFRACTION' ? 
# 
_refine_ls_shell.pdbx_total_number_of_bins_used   ? 
_refine_ls_shell.d_res_high                       2.50 
_refine_ls_shell.d_res_low                        2.61 
_refine_ls_shell.number_reflns_R_work             ? 
_refine_ls_shell.R_factor_R_work                  0.413 
_refine_ls_shell.percent_reflns_obs               ? 
_refine_ls_shell.R_factor_R_free                  0.52 
_refine_ls_shell.R_factor_R_free_error            ? 
_refine_ls_shell.percent_reflns_R_free            ? 
_refine_ls_shell.number_reflns_R_free             12 
_refine_ls_shell.redundancy_reflns_obs            ? 
_refine_ls_shell.pdbx_refine_id                   'X-RAY DIFFRACTION' 
_refine_ls_shell.number_reflns_all                ? 
_refine_ls_shell.R_factor_all                     ? 
# 
_struct.entry_id                  1IXJ 
_struct.title                     
;Crystal Structure of d(GCGAAAGCT) Containing Parallel-stranded Duplex with Homo Base Pairs and Anti-Parallel Duplex with Watson-Crick Base pairs
;
_struct.pdbx_model_details        ? 
_struct.pdbx_CASP_flag            ? 
_struct.pdbx_model_type_details   ? 
# 
_struct_keywords.entry_id        1IXJ 
_struct_keywords.pdbx_keywords   DNA 
_struct_keywords.text            'Parallel DNA, homo base pairs, parallel-stranded helix, parallel duplex, DNA' 
# 
loop_
_struct_asym.id 
_struct_asym.pdbx_blank_PDB_chainid_flag 
_struct_asym.pdbx_modified 
_struct_asym.entity_id 
_struct_asym.details 
A N N 1 ? 
B N N 2 ? 
C N N 2 ? 
D N N 3 ? 
E N N 4 ? 
# 
_struct_ref.id                         1 
_struct_ref.entity_id                  1 
_struct_ref.db_name                    PDB 
_struct_ref.db_code                    1IXJ 
_struct_ref.pdbx_db_accession          1IXJ 
_struct_ref.pdbx_db_isoform            ? 
_struct_ref.pdbx_seq_one_letter_code   ? 
_struct_ref.pdbx_align_begin           ? 
# 
_struct_ref_seq.align_id                      1 
_struct_ref_seq.ref_id                        1 
_struct_ref_seq.pdbx_PDB_id_code              1IXJ 
_struct_ref_seq.pdbx_strand_id                A 
_struct_ref_seq.seq_align_beg                 1 
_struct_ref_seq.pdbx_seq_align_beg_ins_code   ? 
_struct_ref_seq.seq_align_end                 9 
_struct_ref_seq.pdbx_seq_align_end_ins_code   ? 
_struct_ref_seq.pdbx_db_accession             1IXJ 
_struct_ref_seq.db_align_beg                  1 
_struct_ref_seq.pdbx_db_align_beg_ins_code    ? 
_struct_ref_seq.db_align_end                  9 
_struct_ref_seq.pdbx_db_align_end_ins_code    ? 
_struct_ref_seq.pdbx_auth_seq_align_beg       1 
_struct_ref_seq.pdbx_auth_seq_align_end       9 
# 
_pdbx_struct_assembly.id                   1 
_pdbx_struct_assembly.details              author_defined_assembly 
_pdbx_struct_assembly.method_details       ? 
_pdbx_struct_assembly.oligomeric_details   monomeric 
_pdbx_struct_assembly.oligomeric_count     1 
# 
_pdbx_struct_assembly_gen.assembly_id       1 
_pdbx_struct_assembly_gen.oper_expression   1 
_pdbx_struct_assembly_gen.asym_id_list      A,B,C,D,E 
# 
_pdbx_struct_oper_list.id                   1 
_pdbx_struct_oper_list.type                 'identity operation' 
_pdbx_struct_oper_list.name                 1_555 
_pdbx_struct_oper_list.symmetry_operation   x,y,z 
_pdbx_struct_oper_list.matrix[1][1]         1.0000000000 
_pdbx_struct_oper_list.matrix[1][2]         0.0000000000 
_pdbx_struct_oper_list.matrix[1][3]         0.0000000000 
_pdbx_struct_oper_list.vector[1]            0.0000000000 
_pdbx_struct_oper_list.matrix[2][1]         0.0000000000 
_pdbx_struct_oper_list.matrix[2][2]         1.0000000000 
_pdbx_struct_oper_list.matrix[2][3]         0.0000000000 
_pdbx_struct_oper_list.vector[2]            0.0000000000 
_pdbx_struct_oper_list.matrix[3][1]         0.0000000000 
_pdbx_struct_oper_list.matrix[3][2]         0.0000000000 
_pdbx_struct_oper_list.matrix[3][3]         1.0000000000 
_pdbx_struct_oper_list.vector[3]            0.0000000000 
# 
_struct_biol.id                    1 
_struct_biol.pdbx_parent_biol_id   ? 
_struct_biol.details               ? 
# 
loop_
_struct_conn.id 
_struct_conn.conn_type_id 
_struct_conn.pdbx_leaving_atom_flag 
_struct_conn.pdbx_PDB_id 
_struct_conn.ptnr1_label_asym_id 
_struct_conn.ptnr1_label_comp_id 
_struct_conn.ptnr1_label_seq_id 
_struct_conn.ptnr1_label_atom_id 
_struct_conn.pdbx_ptnr1_label_alt_id 
_struct_conn.pdbx_ptnr1_PDB_ins_code 
_struct_conn.pdbx_ptnr1_standard_comp_id 
_struct_conn.ptnr1_symmetry 
_struct_conn.ptnr2_label_asym_id 
_struct_conn.ptnr2_label_comp_id 
_struct_conn.ptnr2_label_seq_id 
_struct_conn.ptnr2_label_atom_id 
_struct_conn.pdbx_ptnr2_label_alt_id 
_struct_conn.pdbx_ptnr2_PDB_ins_code 
_struct_conn.ptnr1_auth_asym_id 
_struct_conn.ptnr1_auth_comp_id 
_struct_conn.ptnr1_auth_seq_id 
_struct_conn.ptnr2_auth_asym_id 
_struct_conn.ptnr2_auth_comp_id 
_struct_conn.ptnr2_auth_seq_id 
_struct_conn.ptnr2_symmetry 
_struct_conn.pdbx_ptnr3_label_atom_id 
_struct_conn.pdbx_ptnr3_label_seq_id 
_struct_conn.pdbx_ptnr3_label_comp_id 
_struct_conn.pdbx_ptnr3_label_asym_id 
_struct_conn.pdbx_ptnr3_label_alt_id 
_struct_conn.pdbx_ptnr3_PDB_ins_code 
_struct_conn.details 
_struct_conn.pdbx_dist_value 
_struct_conn.pdbx_value_order 
_struct_conn.pdbx_role 
metalc1  metalc ? ? B MG . MG ? ? ? 1_555 E HOH . O  ? ? A MG 10 A HOH 20 1_555 ? ? ? ? ? ? ?            1.995 ? ? 
metalc2  metalc ? ? B MG . MG ? ? ? 1_555 E HOH . O  ? ? A MG 10 A HOH 20 7_545 ? ? ? ? ? ? ?            1.957 ? ? 
metalc3  metalc ? ? B MG . MG ? ? ? 1_555 E HOH . O  ? ? A MG 10 A HOH 21 1_555 ? ? ? ? ? ? ?            2.000 ? ? 
metalc4  metalc ? ? B MG . MG ? ? ? 1_555 E HOH . O  ? ? A MG 10 A HOH 21 7_545 ? ? ? ? ? ? ?            2.042 ? ? 
metalc5  metalc ? ? B MG . MG ? ? ? 1_555 E HOH . O  ? ? A MG 10 A HOH 22 1_555 ? ? ? ? ? ? ?            1.999 ? ? 
metalc6  metalc ? ? B MG . MG ? ? ? 1_555 E HOH . O  ? ? A MG 10 A HOH 22 7_545 ? ? ? ? ? ? ?            2.070 ? ? 
metalc7  metalc ? ? B MG . MG ? ? ? 1_555 E HOH . O  ? ? A MG 10 A HOH 23 1_555 ? ? ? ? ? ? ?            1.997 ? ? 
metalc8  metalc ? ? B MG . MG ? ? ? 1_555 E HOH . O  ? ? A MG 10 A HOH 23 7_545 ? ? ? ? ? ? ?            2.039 ? ? 
metalc9  metalc ? ? B MG . MG ? ? ? 1_555 E HOH . O  ? ? A MG 10 A HOH 24 1_555 ? ? ? ? ? ? ?            1.999 ? ? 
metalc10 metalc ? ? B MG . MG ? ? ? 1_555 E HOH . O  ? ? A MG 10 A HOH 24 7_545 ? ? ? ? ? ? ?            1.960 ? ? 
metalc11 metalc ? ? B MG . MG ? ? ? 1_555 E HOH . O  ? ? A MG 10 A HOH 25 1_555 ? ? ? ? ? ? ?            1.998 ? ? 
metalc12 metalc ? ? B MG . MG ? ? ? 1_555 E HOH . O  ? ? A MG 10 A HOH 25 7_545 ? ? ? ? ? ? ?            1.930 ? ? 
metalc13 metalc ? ? C MG . MG ? ? ? 1_555 E HOH . O  ? ? A MG 11 A HOH 26 1_555 ? ? ? ? ? ? ?            2.000 ? ? 
metalc14 metalc ? ? C MG . MG ? ? ? 1_555 E HOH . O  ? ? A MG 11 A HOH 27 1_555 ? ? ? ? ? ? ?            2.004 ? ? 
metalc15 metalc ? ? C MG . MG ? ? ? 1_555 E HOH . O  ? ? A MG 11 A HOH 28 1_555 ? ? ? ? ? ? ?            1.999 ? ? 
metalc16 metalc ? ? C MG . MG ? ? ? 1_555 E HOH . O  ? ? A MG 11 A HOH 29 1_555 ? ? ? ? ? ? ?            1.999 ? ? 
metalc17 metalc ? ? C MG . MG ? ? ? 1_555 E HOH . O  ? ? A MG 11 A HOH 30 1_555 ? ? ? ? ? ? ?            2.003 ? ? 
metalc18 metalc ? ? C MG . MG ? ? ? 1_555 E HOH . O  ? ? A MG 11 A HOH 31 1_555 ? ? ? ? ? ? ?            1.996 ? ? 
hydrog1  hydrog ? ? A DC 2 N4 ? ? ? 1_555 A DC  2 O2 ? ? A DC 2  A DC  2  8_666 ? ? ? ? ? ? TYPE_15_PAIR ?     ? ? 
hydrog2  hydrog ? ? A DC 2 O2 ? ? ? 1_555 A DC  2 N4 ? ? A DC 2  A DC  2  8_666 ? ? ? ? ? ? TYPE_15_PAIR ?     ? ? 
hydrog3  hydrog ? ? A DG 3 N2 ? ? ? 1_555 A DG  3 N3 ? ? A DG 3  A DG  3  8_666 ? ? ? ? ? ? TYPE_4_PAIR  ?     ? ? 
hydrog4  hydrog ? ? A DG 3 N3 ? ? ? 1_555 A DG  3 N2 ? ? A DG 3  A DG  3  8_666 ? ? ? ? ? ? TYPE_4_PAIR  ?     ? ? 
hydrog5  hydrog ? ? A DA 4 N6 ? ? ? 1_555 A DA  4 N7 ? ? A DA 4  A DA  4  8_666 ? ? ? ? ? ? TYPE_2_PAIR  ?     ? ? 
hydrog6  hydrog ? ? A DA 4 N7 ? ? ? 1_555 A DA  4 N6 ? ? A DA 4  A DA  4  8_666 ? ? ? ? ? ? TYPE_2_PAIR  ?     ? ? 
hydrog7  hydrog ? ? A DA 5 N1 ? ? ? 1_555 A DA  5 N6 ? ? A DA 5  A DA  5  8_666 ? ? ? ? ? ? TYPE_1_PAIR  ?     ? ? 
hydrog8  hydrog ? ? A DA 5 N6 ? ? ? 1_555 A DA  5 N1 ? ? A DA 5  A DA  5  8_666 ? ? ? ? ? ? TYPE_1_PAIR  ?     ? ? 
# 
loop_
_struct_conn_type.id 
_struct_conn_type.criteria 
_struct_conn_type.reference 
metalc ? ? 
hydrog ? ? 
# 
loop_
_pdbx_struct_conn_angle.id 
_pdbx_struct_conn_angle.ptnr1_label_atom_id 
_pdbx_struct_conn_angle.ptnr1_label_alt_id 
_pdbx_struct_conn_angle.ptnr1_label_asym_id 
_pdbx_struct_conn_angle.ptnr1_label_comp_id 
_pdbx_struct_conn_angle.ptnr1_label_seq_id 
_pdbx_struct_conn_angle.ptnr1_auth_atom_id 
_pdbx_struct_conn_angle.ptnr1_auth_asym_id 
_pdbx_struct_conn_angle.ptnr1_auth_comp_id 
_pdbx_struct_conn_angle.ptnr1_auth_seq_id 
_pdbx_struct_conn_angle.ptnr1_PDB_ins_code 
_pdbx_struct_conn_angle.ptnr1_symmetry 
_pdbx_struct_conn_angle.ptnr2_label_atom_id 
_pdbx_struct_conn_angle.ptnr2_label_alt_id 
_pdbx_struct_conn_angle.ptnr2_label_asym_id 
_pdbx_struct_conn_angle.ptnr2_label_comp_id 
_pdbx_struct_conn_angle.ptnr2_label_seq_id 
_pdbx_struct_conn_angle.ptnr2_auth_atom_id 
_pdbx_struct_conn_angle.ptnr2_auth_asym_id 
_pdbx_struct_conn_angle.ptnr2_auth_comp_id 
_pdbx_struct_conn_angle.ptnr2_auth_seq_id 
_pdbx_struct_conn_angle.ptnr2_PDB_ins_code 
_pdbx_struct_conn_angle.ptnr2_symmetry 
_pdbx_struct_conn_angle.ptnr3_label_atom_id 
_pdbx_struct_conn_angle.ptnr3_label_alt_id 
_pdbx_struct_conn_angle.ptnr3_label_asym_id 
_pdbx_struct_conn_angle.ptnr3_label_comp_id 
_pdbx_struct_conn_angle.ptnr3_label_seq_id 
_pdbx_struct_conn_angle.ptnr3_auth_atom_id 
_pdbx_struct_conn_angle.ptnr3_auth_asym_id 
_pdbx_struct_conn_angle.ptnr3_auth_comp_id 
_pdbx_struct_conn_angle.ptnr3_auth_seq_id 
_pdbx_struct_conn_angle.ptnr3_PDB_ins_code 
_pdbx_struct_conn_angle.ptnr3_symmetry 
_pdbx_struct_conn_angle.value 
_pdbx_struct_conn_angle.value_esd 
1  O ? E HOH . ? A HOH 20 ? 1_555 MG ? B MG . ? A MG 10 ? 1_555 O ? E HOH . ? A HOH 20 ? 7_545 88.8  ? 
2  O ? E HOH . ? A HOH 20 ? 1_555 MG ? B MG . ? A MG 10 ? 1_555 O ? E HOH . ? A HOH 21 ? 1_555 90.1  ? 
3  O ? E HOH . ? A HOH 20 ? 7_545 MG ? B MG . ? A MG 10 ? 1_555 O ? E HOH . ? A HOH 21 ? 1_555 2.4   ? 
4  O ? E HOH . ? A HOH 20 ? 1_555 MG ? B MG . ? A MG 10 ? 1_555 O ? E HOH . ? A HOH 21 ? 7_545 2.3   ? 
5  O ? E HOH . ? A HOH 20 ? 7_545 MG ? B MG . ? A MG 10 ? 1_555 O ? E HOH . ? A HOH 21 ? 7_545 89.9  ? 
6  O ? E HOH . ? A HOH 21 ? 1_555 MG ? B MG . ? A MG 10 ? 1_555 O ? E HOH . ? A HOH 21 ? 7_545 91.2  ? 
7  O ? E HOH . ? A HOH 20 ? 1_555 MG ? B MG . ? A MG 10 ? 1_555 O ? E HOH . ? A HOH 22 ? 1_555 89.7  ? 
8  O ? E HOH . ? A HOH 20 ? 7_545 MG ? B MG . ? A MG 10 ? 1_555 O ? E HOH . ? A HOH 22 ? 1_555 92.0  ? 
9  O ? E HOH . ? A HOH 21 ? 1_555 MG ? B MG . ? A MG 10 ? 1_555 O ? E HOH . ? A HOH 22 ? 1_555 90.0  ? 
10 O ? E HOH . ? A HOH 21 ? 7_545 MG ? B MG . ? A MG 10 ? 1_555 O ? E HOH . ? A HOH 22 ? 1_555 91.6  ? 
11 O ? E HOH . ? A HOH 20 ? 1_555 MG ? B MG . ? A MG 10 ? 1_555 O ? E HOH . ? A HOH 22 ? 7_545 88.9  ? 
12 O ? E HOH . ? A HOH 20 ? 7_545 MG ? B MG . ? A MG 10 ? 1_555 O ? E HOH . ? A HOH 22 ? 7_545 88.7  ? 
13 O ? E HOH . ? A HOH 21 ? 1_555 MG ? B MG . ? A MG 10 ? 1_555 O ? E HOH . ? A HOH 22 ? 7_545 90.8  ? 
14 O ? E HOH . ? A HOH 21 ? 7_545 MG ? B MG . ? A MG 10 ? 1_555 O ? E HOH . ? A HOH 22 ? 7_545 86.9  ? 
15 O ? E HOH . ? A HOH 22 ? 1_555 MG ? B MG . ? A MG 10 ? 1_555 O ? E HOH . ? A HOH 22 ? 7_545 178.4 ? 
16 O ? E HOH . ? A HOH 20 ? 1_555 MG ? B MG . ? A MG 10 ? 1_555 O ? E HOH . ? A HOH 23 ? 1_555 179.6 ? 
17 O ? E HOH . ? A HOH 20 ? 7_545 MG ? B MG . ? A MG 10 ? 1_555 O ? E HOH . ? A HOH 23 ? 1_555 91.0  ? 
18 O ? E HOH . ? A HOH 21 ? 1_555 MG ? B MG . ? A MG 10 ? 1_555 O ? E HOH . ? A HOH 23 ? 1_555 89.8  ? 
19 O ? E HOH . ? A HOH 21 ? 7_545 MG ? B MG . ? A MG 10 ? 1_555 O ? E HOH . ? A HOH 23 ? 1_555 178.1 ? 
20 O ? E HOH . ? A HOH 22 ? 1_555 MG ? B MG . ? A MG 10 ? 1_555 O ? E HOH . ? A HOH 23 ? 1_555 90.0  ? 
21 O ? E HOH . ? A HOH 22 ? 7_545 MG ? B MG . ? A MG 10 ? 1_555 O ? E HOH . ? A HOH 23 ? 1_555 91.5  ? 
22 O ? E HOH . ? A HOH 20 ? 1_555 MG ? B MG . ? A MG 10 ? 1_555 O ? E HOH . ? A HOH 23 ? 7_545 88.7  ? 
23 O ? E HOH . ? A HOH 20 ? 7_545 MG ? B MG . ? A MG 10 ? 1_555 O ? E HOH . ? A HOH 23 ? 7_545 175.0 ? 
24 O ? E HOH . ? A HOH 21 ? 1_555 MG ? B MG . ? A MG 10 ? 1_555 O ? E HOH . ? A HOH 23 ? 7_545 177.4 ? 
25 O ? E HOH . ? A HOH 21 ? 7_545 MG ? B MG . ? A MG 10 ? 1_555 O ? E HOH . ? A HOH 23 ? 7_545 87.5  ? 
26 O ? E HOH . ? A HOH 22 ? 1_555 MG ? B MG . ? A MG 10 ? 1_555 O ? E HOH . ? A HOH 23 ? 7_545 92.3  ? 
27 O ? E HOH . ? A HOH 22 ? 7_545 MG ? B MG . ? A MG 10 ? 1_555 O ? E HOH . ? A HOH 23 ? 7_545 86.9  ? 
28 O ? E HOH . ? A HOH 23 ? 1_555 MG ? B MG . ? A MG 10 ? 1_555 O ? E HOH . ? A HOH 23 ? 7_545 91.4  ? 
29 O ? E HOH . ? A HOH 20 ? 1_555 MG ? B MG . ? A MG 10 ? 1_555 O ? E HOH . ? A HOH 24 ? 1_555 90.1  ? 
30 O ? E HOH . ? A HOH 20 ? 7_545 MG ? B MG . ? A MG 10 ? 1_555 O ? E HOH . ? A HOH 24 ? 1_555 177.3 ? 
31 O ? E HOH . ? A HOH 21 ? 1_555 MG ? B MG . ? A MG 10 ? 1_555 O ? E HOH . ? A HOH 24 ? 1_555 179.6 ? 
32 O ? E HOH . ? A HOH 21 ? 7_545 MG ? B MG . ? A MG 10 ? 1_555 O ? E HOH . ? A HOH 24 ? 1_555 88.9  ? 
33 O ? E HOH . ? A HOH 22 ? 1_555 MG ? B MG . ? A MG 10 ? 1_555 O ? E HOH . ? A HOH 24 ? 1_555 90.4  ? 
34 O ? E HOH . ? A HOH 22 ? 7_545 MG ? B MG . ? A MG 10 ? 1_555 O ? E HOH . ? A HOH 24 ? 1_555 88.8  ? 
35 O ? E HOH . ? A HOH 23 ? 1_555 MG ? B MG . ? A MG 10 ? 1_555 O ? E HOH . ? A HOH 24 ? 1_555 90.1  ? 
36 O ? E HOH . ? A HOH 23 ? 7_545 MG ? B MG . ? A MG 10 ? 1_555 O ? E HOH . ? A HOH 24 ? 1_555 2.3   ? 
37 O ? E HOH . ? A HOH 20 ? 1_555 MG ? B MG . ? A MG 10 ? 1_555 O ? E HOH . ? A HOH 24 ? 7_545 177.9 ? 
38 O ? E HOH . ? A HOH 20 ? 7_545 MG ? B MG . ? A MG 10 ? 1_555 O ? E HOH . ? A HOH 24 ? 7_545 92.3  ? 
39 O ? E HOH . ? A HOH 21 ? 1_555 MG ? B MG . ? A MG 10 ? 1_555 O ? E HOH . ? A HOH 24 ? 7_545 91.2  ? 
40 O ? E HOH . ? A HOH 21 ? 7_545 MG ? B MG . ? A MG 10 ? 1_555 O ? E HOH . ? A HOH 24 ? 7_545 175.7 ? 
41 O ? E HOH . ? A HOH 22 ? 1_555 MG ? B MG . ? A MG 10 ? 1_555 O ? E HOH . ? A HOH 24 ? 7_545 92.0  ? 
42 O ? E HOH . ? A HOH 22 ? 7_545 MG ? B MG . ? A MG 10 ? 1_555 O ? E HOH . ? A HOH 24 ? 7_545 89.5  ? 
43 O ? E HOH . ? A HOH 23 ? 1_555 MG ? B MG . ? A MG 10 ? 1_555 O ? E HOH . ? A HOH 24 ? 7_545 2.4   ? 
44 O ? E HOH . ? A HOH 23 ? 7_545 MG ? B MG . ? A MG 10 ? 1_555 O ? E HOH . ? A HOH 24 ? 7_545 90.0  ? 
45 O ? E HOH . ? A HOH 24 ? 1_555 MG ? B MG . ? A MG 10 ? 1_555 O ? E HOH . ? A HOH 24 ? 7_545 88.7  ? 
46 O ? E HOH . ? A HOH 20 ? 1_555 MG ? B MG . ? A MG 10 ? 1_555 O ? E HOH . ? A HOH 25 ? 1_555 90.3  ? 
47 O ? E HOH . ? A HOH 20 ? 7_545 MG ? B MG . ? A MG 10 ? 1_555 O ? E HOH . ? A HOH 25 ? 1_555 88.2  ? 
48 O ? E HOH . ? A HOH 21 ? 1_555 MG ? B MG . ? A MG 10 ? 1_555 O ? E HOH . ? A HOH 25 ? 1_555 90.2  ? 
49 O ? E HOH . ? A HOH 21 ? 7_545 MG ? B MG . ? A MG 10 ? 1_555 O ? E HOH . ? A HOH 25 ? 1_555 88.4  ? 
50 O ? E HOH . ? A HOH 22 ? 1_555 MG ? B MG . ? A MG 10 ? 1_555 O ? E HOH . ? A HOH 25 ? 1_555 179.8 ? 
51 O ? E HOH . ? A HOH 22 ? 7_545 MG ? B MG . ? A MG 10 ? 1_555 O ? E HOH . ? A HOH 25 ? 1_555 1.6   ? 
52 O ? E HOH . ? A HOH 23 ? 1_555 MG ? B MG . ? A MG 10 ? 1_555 O ? E HOH . ? A HOH 25 ? 1_555 90.0  ? 
53 O ? E HOH . ? A HOH 23 ? 7_545 MG ? B MG . ? A MG 10 ? 1_555 O ? E HOH . ? A HOH 25 ? 1_555 87.5  ? 
54 O ? E HOH . ? A HOH 24 ? 1_555 MG ? B MG . ? A MG 10 ? 1_555 O ? E HOH . ? A HOH 25 ? 1_555 89.4  ? 
55 O ? E HOH . ? A HOH 24 ? 7_545 MG ? B MG . ? A MG 10 ? 1_555 O ? E HOH . ? A HOH 25 ? 1_555 88.0  ? 
56 O ? E HOH . ? A HOH 20 ? 1_555 MG ? B MG . ? A MG 10 ? 1_555 O ? E HOH . ? A HOH 25 ? 7_545 89.1  ? 
57 O ? E HOH . ? A HOH 20 ? 7_545 MG ? B MG . ? A MG 10 ? 1_555 O ? E HOH . ? A HOH 25 ? 7_545 93.6  ? 
58 O ? E HOH . ? A HOH 21 ? 1_555 MG ? B MG . ? A MG 10 ? 1_555 O ? E HOH . ? A HOH 25 ? 7_545 91.6  ? 
59 O ? E HOH . ? A HOH 21 ? 7_545 MG ? B MG . ? A MG 10 ? 1_555 O ? E HOH . ? A HOH 25 ? 7_545 91.0  ? 
60 O ? E HOH . ? A HOH 22 ? 1_555 MG ? B MG . ? A MG 10 ? 1_555 O ? E HOH . ? A HOH 25 ? 7_545 1.7   ? 
61 O ? E HOH . ? A HOH 22 ? 7_545 MG ? B MG . ? A MG 10 ? 1_555 O ? E HOH . ? A HOH 25 ? 7_545 176.9 ? 
62 O ? E HOH . ? A HOH 23 ? 1_555 MG ? B MG . ? A MG 10 ? 1_555 O ? E HOH . ? A HOH 25 ? 7_545 90.6  ? 
63 O ? E HOH . ? A HOH 23 ? 7_545 MG ? B MG . ? A MG 10 ? 1_555 O ? E HOH . ? A HOH 25 ? 7_545 90.7  ? 
64 O ? E HOH . ? A HOH 24 ? 1_555 MG ? B MG . ? A MG 10 ? 1_555 O ? E HOH . ? A HOH 25 ? 7_545 88.8  ? 
65 O ? E HOH . ? A HOH 24 ? 7_545 MG ? B MG . ? A MG 10 ? 1_555 O ? E HOH . ? A HOH 25 ? 7_545 92.5  ? 
66 O ? E HOH . ? A HOH 25 ? 1_555 MG ? B MG . ? A MG 10 ? 1_555 O ? E HOH . ? A HOH 25 ? 7_545 178.1 ? 
67 O ? E HOH . ? A HOH 26 ? 1_555 MG ? C MG . ? A MG 11 ? 1_555 O ? E HOH . ? A HOH 27 ? 1_555 90.0  ? 
68 O ? E HOH . ? A HOH 26 ? 1_555 MG ? C MG . ? A MG 11 ? 1_555 O ? E HOH . ? A HOH 28 ? 1_555 89.6  ? 
69 O ? E HOH . ? A HOH 27 ? 1_555 MG ? C MG . ? A MG 11 ? 1_555 O ? E HOH . ? A HOH 28 ? 1_555 90.1  ? 
70 O ? E HOH . ? A HOH 26 ? 1_555 MG ? C MG . ? A MG 11 ? 1_555 O ? E HOH . ? A HOH 29 ? 1_555 179.8 ? 
71 O ? E HOH . ? A HOH 27 ? 1_555 MG ? C MG . ? A MG 11 ? 1_555 O ? E HOH . ? A HOH 29 ? 1_555 90.1  ? 
72 O ? E HOH . ? A HOH 28 ? 1_555 MG ? C MG . ? A MG 11 ? 1_555 O ? E HOH . ? A HOH 29 ? 1_555 90.6  ? 
73 O ? E HOH . ? A HOH 26 ? 1_555 MG ? C MG . ? A MG 11 ? 1_555 O ? E HOH . ? A HOH 30 ? 1_555 90.5  ? 
74 O ? E HOH . ? A HOH 27 ? 1_555 MG ? C MG . ? A MG 11 ? 1_555 O ? E HOH . ? A HOH 30 ? 1_555 179.5 ? 
75 O ? E HOH . ? A HOH 28 ? 1_555 MG ? C MG . ? A MG 11 ? 1_555 O ? E HOH . ? A HOH 30 ? 1_555 90.0  ? 
76 O ? E HOH . ? A HOH 29 ? 1_555 MG ? C MG . ? A MG 11 ? 1_555 O ? E HOH . ? A HOH 30 ? 1_555 89.4  ? 
77 O ? E HOH . ? A HOH 26 ? 1_555 MG ? C MG . ? A MG 11 ? 1_555 O ? E HOH . ? A HOH 31 ? 1_555 90.0  ? 
78 O ? E HOH . ? A HOH 27 ? 1_555 MG ? C MG . ? A MG 11 ? 1_555 O ? E HOH . ? A HOH 31 ? 1_555 89.8  ? 
79 O ? E HOH . ? A HOH 28 ? 1_555 MG ? C MG . ? A MG 11 ? 1_555 O ? E HOH . ? A HOH 31 ? 1_555 179.6 ? 
80 O ? E HOH . ? A HOH 29 ? 1_555 MG ? C MG . ? A MG 11 ? 1_555 O ? E HOH . ? A HOH 31 ? 1_555 89.8  ? 
81 O ? E HOH . ? A HOH 30 ? 1_555 MG ? C MG . ? A MG 11 ? 1_555 O ? E HOH . ? A HOH 31 ? 1_555 90.2  ? 
# 
loop_
_struct_site.id 
_struct_site.pdbx_evidence_code 
_struct_site.pdbx_auth_asym_id 
_struct_site.pdbx_auth_comp_id 
_struct_site.pdbx_auth_seq_id 
_struct_site.pdbx_auth_ins_code 
_struct_site.pdbx_num_residues 
_struct_site.details 
AC1 Software A MG  10 ? 12 'BINDING SITE FOR RESIDUE MG A 10'  
AC2 Software A MG  11 ? 7  'BINDING SITE FOR RESIDUE MG A 11'  
AC3 Software A NCO 12 ? 9  'BINDING SITE FOR RESIDUE NCO A 12' 
# 
loop_
_struct_site_gen.id 
_struct_site_gen.site_id 
_struct_site_gen.pdbx_num_res 
_struct_site_gen.label_comp_id 
_struct_site_gen.label_asym_id 
_struct_site_gen.label_seq_id 
_struct_site_gen.pdbx_auth_ins_code 
_struct_site_gen.auth_comp_id 
_struct_site_gen.auth_asym_id 
_struct_site_gen.auth_seq_id 
_struct_site_gen.label_atom_id 
_struct_site_gen.label_alt_id 
_struct_site_gen.symmetry 
_struct_site_gen.details 
1  AC1 12 HOH E . ? HOH A 20 . ? 1_555  ? 
2  AC1 12 HOH E . ? HOH A 20 . ? 7_545  ? 
3  AC1 12 HOH E . ? HOH A 21 . ? 1_555  ? 
4  AC1 12 HOH E . ? HOH A 21 . ? 7_545  ? 
5  AC1 12 HOH E . ? HOH A 22 . ? 1_555  ? 
6  AC1 12 HOH E . ? HOH A 22 . ? 7_545  ? 
7  AC1 12 HOH E . ? HOH A 23 . ? 7_545  ? 
8  AC1 12 HOH E . ? HOH A 23 . ? 1_555  ? 
9  AC1 12 HOH E . ? HOH A 24 . ? 1_555  ? 
10 AC1 12 HOH E . ? HOH A 24 . ? 7_545  ? 
11 AC1 12 HOH E . ? HOH A 25 . ? 7_545  ? 
12 AC1 12 HOH E . ? HOH A 25 . ? 1_555  ? 
13 AC2 7  DG  A 1 ? DG  A 1  . ? 15_556 ? 
14 AC2 7  HOH E . ? HOH A 26 . ? 1_555  ? 
15 AC2 7  HOH E . ? HOH A 27 . ? 1_555  ? 
16 AC2 7  HOH E . ? HOH A 28 . ? 1_555  ? 
17 AC2 7  HOH E . ? HOH A 29 . ? 1_555  ? 
18 AC2 7  HOH E . ? HOH A 30 . ? 1_555  ? 
19 AC2 7  HOH E . ? HOH A 31 . ? 1_555  ? 
20 AC3 9  DA  A 4 ? DA  A 4  . ? 5_655  ? 
21 AC3 9  DA  A 4 ? DA  A 4  . ? 1_555  ? 
22 AC3 9  DA  A 5 ? DA  A 5  . ? 1_555  ? 
23 AC3 9  DA  A 5 ? DA  A 5  . ? 5_655  ? 
24 AC3 9  DG  A 7 ? DG  A 7  . ? 1_555  ? 
25 AC3 9  DG  A 7 ? DG  A 7  . ? 5_655  ? 
26 AC3 9  HOH E . ? HOH A 13 . ? 1_555  ? 
27 AC3 9  HOH E . ? HOH A 13 . ? 5_655  ? 
28 AC3 9  HOH E . ? HOH A 15 . ? 1_555  ? 
# 
_pdbx_validate_rmsd_angle.id                         1 
_pdbx_validate_rmsd_angle.PDB_model_num              1 
_pdbx_validate_rmsd_angle.auth_atom_id_1             "C3'" 
_pdbx_validate_rmsd_angle.auth_asym_id_1             A 
_pdbx_validate_rmsd_angle.auth_comp_id_1             DG 
_pdbx_validate_rmsd_angle.auth_seq_id_1              7 
_pdbx_validate_rmsd_angle.PDB_ins_code_1             ? 
_pdbx_validate_rmsd_angle.label_alt_id_1             ? 
_pdbx_validate_rmsd_angle.auth_atom_id_2             "C2'" 
_pdbx_validate_rmsd_angle.auth_asym_id_2             A 
_pdbx_validate_rmsd_angle.auth_comp_id_2             DG 
_pdbx_validate_rmsd_angle.auth_seq_id_2              7 
_pdbx_validate_rmsd_angle.PDB_ins_code_2             ? 
_pdbx_validate_rmsd_angle.label_alt_id_2             ? 
_pdbx_validate_rmsd_angle.auth_atom_id_3             "C1'" 
_pdbx_validate_rmsd_angle.auth_asym_id_3             A 
_pdbx_validate_rmsd_angle.auth_comp_id_3             DG 
_pdbx_validate_rmsd_angle.auth_seq_id_3              7 
_pdbx_validate_rmsd_angle.PDB_ins_code_3             ? 
_pdbx_validate_rmsd_angle.label_alt_id_3             ? 
_pdbx_validate_rmsd_angle.angle_value                97.09 
_pdbx_validate_rmsd_angle.angle_target_value         102.40 
_pdbx_validate_rmsd_angle.angle_deviation            -5.31 
_pdbx_validate_rmsd_angle.angle_standard_deviation   0.80 
_pdbx_validate_rmsd_angle.linker_flag                N 
# 
loop_
_pdbx_struct_special_symmetry.id 
_pdbx_struct_special_symmetry.PDB_model_num 
_pdbx_struct_special_symmetry.auth_asym_id 
_pdbx_struct_special_symmetry.auth_comp_id 
_pdbx_struct_special_symmetry.auth_seq_id 
_pdbx_struct_special_symmetry.PDB_ins_code 
_pdbx_struct_special_symmetry.label_asym_id 
_pdbx_struct_special_symmetry.label_comp_id 
_pdbx_struct_special_symmetry.label_seq_id 
1 1 A MG  10 ? B MG  . 
2 1 A NCO 12 ? D NCO . 
# 
_pdbx_database_remark.id     300 
_pdbx_database_remark.text   
;
BIOMOLECULE:
THIS ENTRY CONTAINS THE CRYSTALLOGRAPHIC ASYMMETRIC UNIT
WHICH CONSISTS OF 1 CHAIN(S).  BASES 2-5 FORM A PARALLEL
STRANDED DUPLEX WITH HOMO BASE PAIRS WITH BASES 2-5 OF 
THE STRAND GENERATED BY SYMMETRY OPERATOR 
8_666 : 1-Y, 1-X, 1-Z.  BASES 6-9 FORM AN ANTIPARALLEL 
DUPLEX WITH WATSON-CRICK BASE PAIRS WITH BASES 9-6 OF 
THE STRAND GENERATED BY SYMMETRY OPERATOR 
5_655 : 3/2-X,Y,3/4-Z  
;
# 
loop_
_chem_comp_atom.comp_id 
_chem_comp_atom.atom_id 
_chem_comp_atom.type_symbol 
_chem_comp_atom.pdbx_aromatic_flag 
_chem_comp_atom.pdbx_stereo_config 
_chem_comp_atom.pdbx_ordinal 
DA  OP3    O  N N 1   
DA  P      P  N N 2   
DA  OP1    O  N N 3   
DA  OP2    O  N N 4   
DA  "O5'"  O  N N 5   
DA  "C5'"  C  N N 6   
DA  "C4'"  C  N R 7   
DA  "O4'"  O  N N 8   
DA  "C3'"  C  N S 9   
DA  "O3'"  O  N N 10  
DA  "C2'"  C  N N 11  
DA  "C1'"  C  N R 12  
DA  N9     N  Y N 13  
DA  C8     C  Y N 14  
DA  N7     N  Y N 15  
DA  C5     C  Y N 16  
DA  C6     C  Y N 17  
DA  N6     N  N N 18  
DA  N1     N  Y N 19  
DA  C2     C  Y N 20  
DA  N3     N  Y N 21  
DA  C4     C  Y N 22  
DA  HOP3   H  N N 23  
DA  HOP2   H  N N 24  
DA  "H5'"  H  N N 25  
DA  "H5''" H  N N 26  
DA  "H4'"  H  N N 27  
DA  "H3'"  H  N N 28  
DA  "HO3'" H  N N 29  
DA  "H2'"  H  N N 30  
DA  "H2''" H  N N 31  
DA  "H1'"  H  N N 32  
DA  H8     H  N N 33  
DA  H61    H  N N 34  
DA  H62    H  N N 35  
DA  H2     H  N N 36  
DC  OP3    O  N N 37  
DC  P      P  N N 38  
DC  OP1    O  N N 39  
DC  OP2    O  N N 40  
DC  "O5'"  O  N N 41  
DC  "C5'"  C  N N 42  
DC  "C4'"  C  N R 43  
DC  "O4'"  O  N N 44  
DC  "C3'"  C  N S 45  
DC  "O3'"  O  N N 46  
DC  "C2'"  C  N N 47  
DC  "C1'"  C  N R 48  
DC  N1     N  N N 49  
DC  C2     C  N N 50  
DC  O2     O  N N 51  
DC  N3     N  N N 52  
DC  C4     C  N N 53  
DC  N4     N  N N 54  
DC  C5     C  N N 55  
DC  C6     C  N N 56  
DC  HOP3   H  N N 57  
DC  HOP2   H  N N 58  
DC  "H5'"  H  N N 59  
DC  "H5''" H  N N 60  
DC  "H4'"  H  N N 61  
DC  "H3'"  H  N N 62  
DC  "HO3'" H  N N 63  
DC  "H2'"  H  N N 64  
DC  "H2''" H  N N 65  
DC  "H1'"  H  N N 66  
DC  H41    H  N N 67  
DC  H42    H  N N 68  
DC  H5     H  N N 69  
DC  H6     H  N N 70  
DG  OP3    O  N N 71  
DG  P      P  N N 72  
DG  OP1    O  N N 73  
DG  OP2    O  N N 74  
DG  "O5'"  O  N N 75  
DG  "C5'"  C  N N 76  
DG  "C4'"  C  N R 77  
DG  "O4'"  O  N N 78  
DG  "C3'"  C  N S 79  
DG  "O3'"  O  N N 80  
DG  "C2'"  C  N N 81  
DG  "C1'"  C  N R 82  
DG  N9     N  Y N 83  
DG  C8     C  Y N 84  
DG  N7     N  Y N 85  
DG  C5     C  Y N 86  
DG  C6     C  N N 87  
DG  O6     O  N N 88  
DG  N1     N  N N 89  
DG  C2     C  N N 90  
DG  N2     N  N N 91  
DG  N3     N  N N 92  
DG  C4     C  Y N 93  
DG  HOP3   H  N N 94  
DG  HOP2   H  N N 95  
DG  "H5'"  H  N N 96  
DG  "H5''" H  N N 97  
DG  "H4'"  H  N N 98  
DG  "H3'"  H  N N 99  
DG  "HO3'" H  N N 100 
DG  "H2'"  H  N N 101 
DG  "H2''" H  N N 102 
DG  "H1'"  H  N N 103 
DG  H8     H  N N 104 
DG  H1     H  N N 105 
DG  H21    H  N N 106 
DG  H22    H  N N 107 
DT  OP3    O  N N 108 
DT  P      P  N N 109 
DT  OP1    O  N N 110 
DT  OP2    O  N N 111 
DT  "O5'"  O  N N 112 
DT  "C5'"  C  N N 113 
DT  "C4'"  C  N R 114 
DT  "O4'"  O  N N 115 
DT  "C3'"  C  N S 116 
DT  "O3'"  O  N N 117 
DT  "C2'"  C  N N 118 
DT  "C1'"  C  N R 119 
DT  N1     N  N N 120 
DT  C2     C  N N 121 
DT  O2     O  N N 122 
DT  N3     N  N N 123 
DT  C4     C  N N 124 
DT  O4     O  N N 125 
DT  C5     C  N N 126 
DT  C7     C  N N 127 
DT  C6     C  N N 128 
DT  HOP3   H  N N 129 
DT  HOP2   H  N N 130 
DT  "H5'"  H  N N 131 
DT  "H5''" H  N N 132 
DT  "H4'"  H  N N 133 
DT  "H3'"  H  N N 134 
DT  "HO3'" H  N N 135 
DT  "H2'"  H  N N 136 
DT  "H2''" H  N N 137 
DT  "H1'"  H  N N 138 
DT  H3     H  N N 139 
DT  H71    H  N N 140 
DT  H72    H  N N 141 
DT  H73    H  N N 142 
DT  H6     H  N N 143 
HOH O      O  N N 144 
HOH H1     H  N N 145 
HOH H2     H  N N 146 
MG  MG     MG N N 147 
NCO CO     CO N N 148 
NCO N1     N  N N 149 
NCO N2     N  N N 150 
NCO N3     N  N N 151 
NCO N4     N  N N 152 
NCO N5     N  N N 153 
NCO N6     N  N N 154 
NCO HN11   H  N N 155 
NCO HN12   H  N N 156 
NCO HN13   H  N N 157 
NCO HN21   H  N N 158 
NCO HN22   H  N N 159 
NCO HN23   H  N N 160 
NCO HN31   H  N N 161 
NCO HN32   H  N N 162 
NCO HN33   H  N N 163 
NCO HN41   H  N N 164 
NCO HN42   H  N N 165 
NCO HN43   H  N N 166 
NCO HN51   H  N N 167 
NCO HN52   H  N N 168 
NCO HN53   H  N N 169 
NCO HN61   H  N N 170 
NCO HN62   H  N N 171 
NCO HN63   H  N N 172 
# 
loop_
_chem_comp_bond.comp_id 
_chem_comp_bond.atom_id_1 
_chem_comp_bond.atom_id_2 
_chem_comp_bond.value_order 
_chem_comp_bond.pdbx_aromatic_flag 
_chem_comp_bond.pdbx_stereo_config 
_chem_comp_bond.pdbx_ordinal 
DA  OP3   P      sing N N 1   
DA  OP3   HOP3   sing N N 2   
DA  P     OP1    doub N N 3   
DA  P     OP2    sing N N 4   
DA  P     "O5'"  sing N N 5   
DA  OP2   HOP2   sing N N 6   
DA  "O5'" "C5'"  sing N N 7   
DA  "C5'" "C4'"  sing N N 8   
DA  "C5'" "H5'"  sing N N 9   
DA  "C5'" "H5''" sing N N 10  
DA  "C4'" "O4'"  sing N N 11  
DA  "C4'" "C3'"  sing N N 12  
DA  "C4'" "H4'"  sing N N 13  
DA  "O4'" "C1'"  sing N N 14  
DA  "C3'" "O3'"  sing N N 15  
DA  "C3'" "C2'"  sing N N 16  
DA  "C3'" "H3'"  sing N N 17  
DA  "O3'" "HO3'" sing N N 18  
DA  "C2'" "C1'"  sing N N 19  
DA  "C2'" "H2'"  sing N N 20  
DA  "C2'" "H2''" sing N N 21  
DA  "C1'" N9     sing N N 22  
DA  "C1'" "H1'"  sing N N 23  
DA  N9    C8     sing Y N 24  
DA  N9    C4     sing Y N 25  
DA  C8    N7     doub Y N 26  
DA  C8    H8     sing N N 27  
DA  N7    C5     sing Y N 28  
DA  C5    C6     sing Y N 29  
DA  C5    C4     doub Y N 30  
DA  C6    N6     sing N N 31  
DA  C6    N1     doub Y N 32  
DA  N6    H61    sing N N 33  
DA  N6    H62    sing N N 34  
DA  N1    C2     sing Y N 35  
DA  C2    N3     doub Y N 36  
DA  C2    H2     sing N N 37  
DA  N3    C4     sing Y N 38  
DC  OP3   P      sing N N 39  
DC  OP3   HOP3   sing N N 40  
DC  P     OP1    doub N N 41  
DC  P     OP2    sing N N 42  
DC  P     "O5'"  sing N N 43  
DC  OP2   HOP2   sing N N 44  
DC  "O5'" "C5'"  sing N N 45  
DC  "C5'" "C4'"  sing N N 46  
DC  "C5'" "H5'"  sing N N 47  
DC  "C5'" "H5''" sing N N 48  
DC  "C4'" "O4'"  sing N N 49  
DC  "C4'" "C3'"  sing N N 50  
DC  "C4'" "H4'"  sing N N 51  
DC  "O4'" "C1'"  sing N N 52  
DC  "C3'" "O3'"  sing N N 53  
DC  "C3'" "C2'"  sing N N 54  
DC  "C3'" "H3'"  sing N N 55  
DC  "O3'" "HO3'" sing N N 56  
DC  "C2'" "C1'"  sing N N 57  
DC  "C2'" "H2'"  sing N N 58  
DC  "C2'" "H2''" sing N N 59  
DC  "C1'" N1     sing N N 60  
DC  "C1'" "H1'"  sing N N 61  
DC  N1    C2     sing N N 62  
DC  N1    C6     sing N N 63  
DC  C2    O2     doub N N 64  
DC  C2    N3     sing N N 65  
DC  N3    C4     doub N N 66  
DC  C4    N4     sing N N 67  
DC  C4    C5     sing N N 68  
DC  N4    H41    sing N N 69  
DC  N4    H42    sing N N 70  
DC  C5    C6     doub N N 71  
DC  C5    H5     sing N N 72  
DC  C6    H6     sing N N 73  
DG  OP3   P      sing N N 74  
DG  OP3   HOP3   sing N N 75  
DG  P     OP1    doub N N 76  
DG  P     OP2    sing N N 77  
DG  P     "O5'"  sing N N 78  
DG  OP2   HOP2   sing N N 79  
DG  "O5'" "C5'"  sing N N 80  
DG  "C5'" "C4'"  sing N N 81  
DG  "C5'" "H5'"  sing N N 82  
DG  "C5'" "H5''" sing N N 83  
DG  "C4'" "O4'"  sing N N 84  
DG  "C4'" "C3'"  sing N N 85  
DG  "C4'" "H4'"  sing N N 86  
DG  "O4'" "C1'"  sing N N 87  
DG  "C3'" "O3'"  sing N N 88  
DG  "C3'" "C2'"  sing N N 89  
DG  "C3'" "H3'"  sing N N 90  
DG  "O3'" "HO3'" sing N N 91  
DG  "C2'" "C1'"  sing N N 92  
DG  "C2'" "H2'"  sing N N 93  
DG  "C2'" "H2''" sing N N 94  
DG  "C1'" N9     sing N N 95  
DG  "C1'" "H1'"  sing N N 96  
DG  N9    C8     sing Y N 97  
DG  N9    C4     sing Y N 98  
DG  C8    N7     doub Y N 99  
DG  C8    H8     sing N N 100 
DG  N7    C5     sing Y N 101 
DG  C5    C6     sing N N 102 
DG  C5    C4     doub Y N 103 
DG  C6    O6     doub N N 104 
DG  C6    N1     sing N N 105 
DG  N1    C2     sing N N 106 
DG  N1    H1     sing N N 107 
DG  C2    N2     sing N N 108 
DG  C2    N3     doub N N 109 
DG  N2    H21    sing N N 110 
DG  N2    H22    sing N N 111 
DG  N3    C4     sing N N 112 
DT  OP3   P      sing N N 113 
DT  OP3   HOP3   sing N N 114 
DT  P     OP1    doub N N 115 
DT  P     OP2    sing N N 116 
DT  P     "O5'"  sing N N 117 
DT  OP2   HOP2   sing N N 118 
DT  "O5'" "C5'"  sing N N 119 
DT  "C5'" "C4'"  sing N N 120 
DT  "C5'" "H5'"  sing N N 121 
DT  "C5'" "H5''" sing N N 122 
DT  "C4'" "O4'"  sing N N 123 
DT  "C4'" "C3'"  sing N N 124 
DT  "C4'" "H4'"  sing N N 125 
DT  "O4'" "C1'"  sing N N 126 
DT  "C3'" "O3'"  sing N N 127 
DT  "C3'" "C2'"  sing N N 128 
DT  "C3'" "H3'"  sing N N 129 
DT  "O3'" "HO3'" sing N N 130 
DT  "C2'" "C1'"  sing N N 131 
DT  "C2'" "H2'"  sing N N 132 
DT  "C2'" "H2''" sing N N 133 
DT  "C1'" N1     sing N N 134 
DT  "C1'" "H1'"  sing N N 135 
DT  N1    C2     sing N N 136 
DT  N1    C6     sing N N 137 
DT  C2    O2     doub N N 138 
DT  C2    N3     sing N N 139 
DT  N3    C4     sing N N 140 
DT  N3    H3     sing N N 141 
DT  C4    O4     doub N N 142 
DT  C4    C5     sing N N 143 
DT  C5    C7     sing N N 144 
DT  C5    C6     doub N N 145 
DT  C7    H71    sing N N 146 
DT  C7    H72    sing N N 147 
DT  C7    H73    sing N N 148 
DT  C6    H6     sing N N 149 
HOH O     H1     sing N N 150 
HOH O     H2     sing N N 151 
NCO CO    N1     sing N N 152 
NCO CO    N2     sing N N 153 
NCO CO    N3     sing N N 154 
NCO CO    N4     sing N N 155 
NCO CO    N5     sing N N 156 
NCO CO    N6     sing N N 157 
NCO N1    HN11   sing N N 158 
NCO N1    HN12   sing N N 159 
NCO N1    HN13   sing N N 160 
NCO N2    HN21   sing N N 161 
NCO N2    HN22   sing N N 162 
NCO N2    HN23   sing N N 163 
NCO N3    HN31   sing N N 164 
NCO N3    HN32   sing N N 165 
NCO N3    HN33   sing N N 166 
NCO N4    HN41   sing N N 167 
NCO N4    HN42   sing N N 168 
NCO N4    HN43   sing N N 169 
NCO N5    HN51   sing N N 170 
NCO N5    HN52   sing N N 171 
NCO N5    HN53   sing N N 172 
NCO N6    HN61   sing N N 173 
NCO N6    HN62   sing N N 174 
NCO N6    HN63   sing N N 175 
# 
loop_
_ndb_struct_conf_na.entry_id 
_ndb_struct_conf_na.feature 
1IXJ 'double helix'         
1IXJ 'parallel strands'     
1IXJ 'mismatched base pair' 
# 
loop_
_ndb_struct_na_base_pair.model_number 
_ndb_struct_na_base_pair.i_label_asym_id 
_ndb_struct_na_base_pair.i_label_comp_id 
_ndb_struct_na_base_pair.i_label_seq_id 
_ndb_struct_na_base_pair.i_symmetry 
_ndb_struct_na_base_pair.j_label_asym_id 
_ndb_struct_na_base_pair.j_label_comp_id 
_ndb_struct_na_base_pair.j_label_seq_id 
_ndb_struct_na_base_pair.j_symmetry 
_ndb_struct_na_base_pair.shear 
_ndb_struct_na_base_pair.stretch 
_ndb_struct_na_base_pair.stagger 
_ndb_struct_na_base_pair.buckle 
_ndb_struct_na_base_pair.propeller 
_ndb_struct_na_base_pair.opening 
_ndb_struct_na_base_pair.pair_number 
_ndb_struct_na_base_pair.pair_name 
_ndb_struct_na_base_pair.i_auth_asym_id 
_ndb_struct_na_base_pair.i_auth_seq_id 
_ndb_struct_na_base_pair.i_PDB_ins_code 
_ndb_struct_na_base_pair.j_auth_asym_id 
_ndb_struct_na_base_pair.j_auth_seq_id 
_ndb_struct_na_base_pair.j_PDB_ins_code 
_ndb_struct_na_base_pair.hbond_type_28 
_ndb_struct_na_base_pair.hbond_type_12 
1 A DC 2 1_555 A DC 2 8_666 -2.067 -1.288 0.000 -6.669  1.270   -180.000 1 A_DC2:DC2_A A 2 ? A 2 ? 15 2  
1 A DG 3 1_555 A DG 3 8_666 -3.581 -7.680 0.000 6.415   -27.416 -180.000 2 A_DG3:DG3_A A 3 ? A 3 ? 4  12 
1 A DA 4 1_555 A DA 4 8_666 -5.529 5.181  0.000 -12.692 35.107  -180.000 3 A_DA4:DA4_A A 4 ? A 4 ? 2  7  
1 A DA 5 1_555 A DA 5 8_666 1.272  0.858  0.000 -1.946  -1.521  -180.000 4 A_DA5:DA5_A A 5 ? A 5 ? 1  2  
# 
loop_
_ndb_struct_na_base_pair_step.model_number 
_ndb_struct_na_base_pair_step.i_label_asym_id_1 
_ndb_struct_na_base_pair_step.i_label_comp_id_1 
_ndb_struct_na_base_pair_step.i_label_seq_id_1 
_ndb_struct_na_base_pair_step.i_symmetry_1 
_ndb_struct_na_base_pair_step.j_label_asym_id_1 
_ndb_struct_na_base_pair_step.j_label_comp_id_1 
_ndb_struct_na_base_pair_step.j_label_seq_id_1 
_ndb_struct_na_base_pair_step.j_symmetry_1 
_ndb_struct_na_base_pair_step.i_label_asym_id_2 
_ndb_struct_na_base_pair_step.i_label_comp_id_2 
_ndb_struct_na_base_pair_step.i_label_seq_id_2 
_ndb_struct_na_base_pair_step.i_symmetry_2 
_ndb_struct_na_base_pair_step.j_label_asym_id_2 
_ndb_struct_na_base_pair_step.j_label_comp_id_2 
_ndb_struct_na_base_pair_step.j_label_seq_id_2 
_ndb_struct_na_base_pair_step.j_symmetry_2 
_ndb_struct_na_base_pair_step.shift 
_ndb_struct_na_base_pair_step.slide 
_ndb_struct_na_base_pair_step.rise 
_ndb_struct_na_base_pair_step.tilt 
_ndb_struct_na_base_pair_step.roll 
_ndb_struct_na_base_pair_step.twist 
_ndb_struct_na_base_pair_step.x_displacement 
_ndb_struct_na_base_pair_step.y_displacement 
_ndb_struct_na_base_pair_step.helical_rise 
_ndb_struct_na_base_pair_step.inclination 
_ndb_struct_na_base_pair_step.tip 
_ndb_struct_na_base_pair_step.helical_twist 
_ndb_struct_na_base_pair_step.step_number 
_ndb_struct_na_base_pair_step.step_name 
_ndb_struct_na_base_pair_step.i_auth_asym_id_1 
_ndb_struct_na_base_pair_step.i_auth_seq_id_1 
_ndb_struct_na_base_pair_step.i_PDB_ins_code_1 
_ndb_struct_na_base_pair_step.j_auth_asym_id_1 
_ndb_struct_na_base_pair_step.j_auth_seq_id_1 
_ndb_struct_na_base_pair_step.j_PDB_ins_code_1 
_ndb_struct_na_base_pair_step.i_auth_asym_id_2 
_ndb_struct_na_base_pair_step.i_auth_seq_id_2 
_ndb_struct_na_base_pair_step.i_PDB_ins_code_2 
_ndb_struct_na_base_pair_step.j_auth_asym_id_2 
_ndb_struct_na_base_pair_step.j_auth_seq_id_2 
_ndb_struct_na_base_pair_step.j_PDB_ins_code_2 
1 A DC 2 1_555 A DC 2 8_666 A DG 3 1_555 A DG 3 8_666 0.000 0.000 2.867 0.000 0.000 57.579 0.000 0.000 2.867 0.000 0.000 57.579 1 
AA_DC2DG3:DG3DC2_AA A 2 ? A 2 ? A 3 ? A 3 ? 
1 A DG 3 1_555 A DG 3 8_666 A DA 4 1_555 A DA 4 8_666 0.000 0.000 4.800 0.000 0.000 -8.015 0.000 0.000 4.800 0.000 0.000 -8.015 2 
AA_DG3DA4:DA4DG3_AA A 3 ? A 3 ? A 4 ? A 4 ? 
1 A DA 4 1_555 A DA 4 8_666 A DA 5 1_555 A DA 5 8_666 0.000 0.000 2.852 0.000 0.000 60.746 0.000 0.000 2.852 0.000 0.000 60.746 3 
AA_DA4DA5:DA5DA4_AA A 4 ? A 4 ? A 5 ? A 5 ? 
# 
_atom_sites.entry_id                    1IXJ 
_atom_sites.fract_transf_matrix[1][1]   0.01632863 
_atom_sites.fract_transf_matrix[1][2]   -0.00626373 
_atom_sites.fract_transf_matrix[1][3]   -0.00669642 
_atom_sites.fract_transf_matrix[2][1]   0.00098870 
_atom_sites.fract_transf_matrix[2][2]   0.01479947 
_atom_sites.fract_transf_matrix[2][3]   -0.01143235 
_atom_sites.fract_transf_matrix[3][1]   0.00901461 
_atom_sites.fract_transf_matrix[3][2]   0.00950787 
_atom_sites.fract_transf_matrix[3][3]   0.01308780 
_atom_sites.fract_transf_vector[1]      0.673962 
_atom_sites.fract_transf_vector[2]      0.358396 
_atom_sites.fract_transf_vector[3]      0.420519 
# 
loop_
_atom_type.symbol 
C  
CO 
MG 
N  
O  
P  
# 
loop_
_atom_site.group_PDB 
_atom_site.id 
_atom_site.type_symbol 
_atom_site.label_atom_id 
_atom_site.label_alt_id 
_atom_site.label_comp_id 
_atom_site.label_asym_id 
_atom_site.label_entity_id 
_atom_site.label_seq_id 
_atom_site.pdbx_PDB_ins_code 
_atom_site.Cartn_x 
_atom_site.Cartn_y 
_atom_site.Cartn_z 
_atom_site.occupancy 
_atom_site.B_iso_or_equiv 
_atom_site.pdbx_formal_charge 
_atom_site.auth_seq_id 
_atom_site.auth_comp_id 
_atom_site.auth_asym_id 
_atom_site.auth_atom_id 
_atom_site.pdbx_PDB_model_num 
ATOM   1   O  "O5'" . DG  A 1 1 ? -16.592 10.254  0.831  1.00 87.40  ? 1  DG  A "O5'" 1 
ATOM   2   C  "C5'" . DG  A 1 1 ? -16.033 8.978   1.148  1.00 85.70  ? 1  DG  A "C5'" 1 
ATOM   3   C  "C4'" . DG  A 1 1 ? -14.533 9.040   1.320  1.00 84.70  ? 1  DG  A "C4'" 1 
ATOM   4   O  "O4'" . DG  A 1 1 ? -14.181 10.226  2.063  1.00 85.50  ? 1  DG  A "O4'" 1 
ATOM   5   C  "C3'" . DG  A 1 1 ? -13.955 7.873   2.118  1.00 83.30  ? 1  DG  A "C3'" 1 
ATOM   6   O  "O3'" . DG  A 1 1 ? -12.624 7.558   1.671  1.00 78.60  ? 1  DG  A "O3'" 1 
ATOM   7   C  "C2'" . DG  A 1 1 ? -13.972 8.382   3.554  1.00 85.00  ? 1  DG  A "C2'" 1 
ATOM   8   C  "C1'" . DG  A 1 1 ? -14.051 9.908   3.442  1.00 86.70  ? 1  DG  A "C1'" 1 
ATOM   9   N  N9    . DG  A 1 1 ? -15.168 10.533  4.148  1.00 88.70  ? 1  DG  A N9    1 
ATOM   10  C  C8    . DG  A 1 1 ? -16.511 10.395  3.875  1.00 89.10  ? 1  DG  A C8    1 
ATOM   11  N  N7    . DG  A 1 1 ? -17.271 11.130  4.643  1.00 90.10  ? 1  DG  A N7    1 
ATOM   12  C  C5    . DG  A 1 1 ? -16.379 11.786  5.483  1.00 91.30  ? 1  DG  A C5    1 
ATOM   13  C  C6    . DG  A 1 1 ? -16.612 12.746  6.518  1.00 92.10  ? 1  DG  A C6    1 
ATOM   14  O  O6    . DG  A 1 1 ? -17.688 13.241  6.889  1.00 91.50  ? 1  DG  A O6    1 
ATOM   15  N  N1    . DG  A 1 1 ? -15.424 13.139  7.128  1.00 93.10  ? 1  DG  A N1    1 
ATOM   16  C  C2    . DG  A 1 1 ? -14.169 12.684  6.787  1.00 93.00  ? 1  DG  A C2    1 
ATOM   17  N  N2    . DG  A 1 1 ? -13.151 13.164  7.519  1.00 93.40  ? 1  DG  A N2    1 
ATOM   18  N  N3    . DG  A 1 1 ? -13.934 11.816  5.809  1.00 91.60  ? 1  DG  A N3    1 
ATOM   19  C  C4    . DG  A 1 1 ? -15.076 11.411  5.206  1.00 90.60  ? 1  DG  A C4    1 
ATOM   20  P  P     . DC  A 1 2 ? -12.207 6.022   1.408  1.00 73.00  ? 2  DC  A P     1 
ATOM   21  O  OP1   . DC  A 1 2 ? -13.333 5.322   0.729  1.00 72.90  ? 2  DC  A OP1   1 
ATOM   22  O  OP2   . DC  A 1 2 ? -11.672 5.490   2.691  1.00 73.50  ? 2  DC  A OP2   1 
ATOM   23  O  "O5'" . DC  A 1 2 ? -11.009 6.127   0.368  1.00 67.40  ? 2  DC  A "O5'" 1 
ATOM   24  C  "C5'" . DC  A 1 2 ? -11.197 6.791   -0.872 1.00 59.20  ? 2  DC  A "C5'" 1 
ATOM   25  C  "C4'" . DC  A 1 2 ? -9.863  7.081   -1.515 1.00 53.60  ? 2  DC  A "C4'" 1 
ATOM   26  O  "O4'" . DC  A 1 2 ? -9.102  7.971   -0.671 1.00 49.90  ? 2  DC  A "O4'" 1 
ATOM   27  C  "C3'" . DC  A 1 2 ? -8.979  5.861   -1.744 1.00 52.20  ? 2  DC  A "C3'" 1 
ATOM   28  O  "O3'" . DC  A 1 2 ? -8.402  5.967   -3.045 1.00 55.40  ? 2  DC  A "O3'" 1 
ATOM   29  C  "C2'" . DC  A 1 2 ? -7.916  5.979   -0.665 1.00 49.70  ? 2  DC  A "C2'" 1 
ATOM   30  C  "C1'" . DC  A 1 2 ? -7.790  7.482   -0.516 1.00 43.80  ? 2  DC  A "C1'" 1 
ATOM   31  N  N1    . DC  A 1 2 ? -7.314  7.946   0.790  1.00 38.20  ? 2  DC  A N1    1 
ATOM   32  C  C2    . DC  A 1 2 ? -6.179  8.763   0.847  1.00 36.50  ? 2  DC  A C2    1 
ATOM   33  O  O2    . DC  A 1 2 ? -5.582  9.043   -0.208 1.00 38.60  ? 2  DC  A O2    1 
ATOM   34  N  N3    . DC  A 1 2 ? -5.765  9.234   2.045  1.00 33.70  ? 2  DC  A N3    1 
ATOM   35  C  C4    . DC  A 1 2 ? -6.448  8.931   3.154  1.00 31.60  ? 2  DC  A C4    1 
ATOM   36  N  N4    . DC  A 1 2 ? -6.038  9.469   4.305  1.00 30.40  ? 2  DC  A N4    1 
ATOM   37  C  C5    . DC  A 1 2 ? -7.589  8.078   3.128  1.00 30.30  ? 2  DC  A C5    1 
ATOM   38  C  C6    . DC  A 1 2 ? -7.981  7.609   1.936  1.00 35.20  ? 2  DC  A C6    1 
ATOM   39  P  P     . DG  A 1 3 ? -7.527  4.755   -3.625 1.00 57.10  ? 3  DG  A P     1 
ATOM   40  O  OP1   . DG  A 1 3 ? -7.120  5.066   -5.018 1.00 55.90  ? 3  DG  A OP1   1 
ATOM   41  O  OP2   . DG  A 1 3 ? -8.316  3.527   -3.347 1.00 57.90  ? 3  DG  A OP2   1 
ATOM   42  O  "O5'" . DG  A 1 3 ? -6.219  4.770   -2.710 1.00 55.30  ? 3  DG  A "O5'" 1 
ATOM   43  C  "C5'" . DG  A 1 3 ? -5.227  5.781   -2.882 1.00 51.80  ? 3  DG  A "C5'" 1 
ATOM   44  C  "C4'" . DG  A 1 3 ? -4.047  5.519   -1.976 1.00 50.60  ? 3  DG  A "C4'" 1 
ATOM   45  O  "O4'" . DG  A 1 3 ? -4.403  5.770   -0.595 1.00 46.90  ? 3  DG  A "O4'" 1 
ATOM   46  C  "C3'" . DG  A 1 3 ? -3.507  4.088   -2.022 1.00 49.90  ? 3  DG  A "C3'" 1 
ATOM   47  O  "O3'" . DG  A 1 3 ? -2.073  4.134   -1.993 1.00 54.90  ? 3  DG  A "O3'" 1 
ATOM   48  C  "C2'" . DG  A 1 3 ? -4.049  3.474   -0.744 1.00 46.30  ? 3  DG  A "C2'" 1 
ATOM   49  C  "C1'" . DG  A 1 3 ? -4.010  4.661   0.193  1.00 44.70  ? 3  DG  A "C1'" 1 
ATOM   50  N  N9    . DG  A 1 3 ? -4.922  4.581   1.327  1.00 43.00  ? 3  DG  A N9    1 
ATOM   51  C  C8    . DG  A 1 3 ? -6.035  3.777   1.449  1.00 41.80  ? 3  DG  A C8    1 
ATOM   52  N  N7    . DG  A 1 3 ? -6.657  3.939   2.591  1.00 42.70  ? 3  DG  A N7    1 
ATOM   53  C  C5    . DG  A 1 3 ? -5.910  4.903   3.265  1.00 38.50  ? 3  DG  A C5    1 
ATOM   54  C  C6    . DG  A 1 3 ? -6.102  5.490   4.544  1.00 38.70  ? 3  DG  A C6    1 
ATOM   55  O  O6    . DG  A 1 3 ? -7.002  5.271   5.366  1.00 40.80  ? 3  DG  A O6    1 
ATOM   56  N  N1    . DG  A 1 3 ? -5.115  6.439   4.829  1.00 35.50  ? 3  DG  A N1    1 
ATOM   57  C  C2    . DG  A 1 3 ? -4.091  6.788   3.986  1.00 35.30  ? 3  DG  A C2    1 
ATOM   58  N  N2    . DG  A 1 3 ? -3.260  7.751   4.425  1.00 33.10  ? 3  DG  A N2    1 
ATOM   59  N  N3    . DG  A 1 3 ? -3.899  6.242   2.794  1.00 36.90  ? 3  DG  A N3    1 
ATOM   60  C  C4    . DG  A 1 3 ? -4.839  5.313   2.501  1.00 39.50  ? 3  DG  A C4    1 
ATOM   61  P  P     . DA  A 1 4 ? -1.210  2.918   -2.606 1.00 54.60  ? 4  DA  A P     1 
ATOM   62  O  OP1   . DA  A 1 4 ? -1.882  2.400   -3.832 1.00 52.50  ? 4  DA  A OP1   1 
ATOM   63  O  OP2   . DA  A 1 4 ? -0.925  1.995   -1.470 1.00 54.20  ? 4  DA  A OP2   1 
ATOM   64  O  "O5'" . DA  A 1 4 ? 0.168   3.604   -3.015 1.00 53.60  ? 4  DA  A "O5'" 1 
ATOM   65  C  "C5'" . DA  A 1 4 ? 0.199   4.675   -3.950 1.00 53.50  ? 4  DA  A "C5'" 1 
ATOM   66  C  "C4'" . DA  A 1 4 ? 1.111   5.770   -3.449 1.00 54.70  ? 4  DA  A "C4'" 1 
ATOM   67  O  "O4'" . DA  A 1 4 ? 0.563   6.312   -2.232 1.00 52.80  ? 4  DA  A "O4'" 1 
ATOM   68  C  "C3'" . DA  A 1 4 ? 2.528   5.315   -3.104 1.00 56.20  ? 4  DA  A "C3'" 1 
ATOM   69  O  "O3'" . DA  A 1 4 ? 3.381   5.548   -4.237 1.00 62.40  ? 4  DA  A "O3'" 1 
ATOM   70  C  "C2'" . DA  A 1 4 ? 2.927   6.227   -1.953 1.00 54.30  ? 4  DA  A "C2'" 1 
ATOM   71  C  "C1'" . DA  A 1 4 ? 1.600   6.683   -1.339 1.00 50.90  ? 4  DA  A "C1'" 1 
ATOM   72  N  N9    . DA  A 1 4 ? 1.267   6.117   -0.032 1.00 47.70  ? 4  DA  A N9    1 
ATOM   73  C  C8    . DA  A 1 4 ? 0.180   5.331   0.281  1.00 47.70  ? 4  DA  A C8    1 
ATOM   74  N  N7    . DA  A 1 4 ? 0.089   5.040   1.562  1.00 47.50  ? 4  DA  A N7    1 
ATOM   75  C  C5    . DA  A 1 4 ? 1.199   5.659   2.123  1.00 44.80  ? 4  DA  A C5    1 
ATOM   76  C  C6    . DA  A 1 4 ? 1.656   5.759   3.453  1.00 44.10  ? 4  DA  A C6    1 
ATOM   77  N  N6    . DA  A 1 4 ? 1.023   5.219   4.498  1.00 44.60  ? 4  DA  A N6    1 
ATOM   78  N  N1    . DA  A 1 4 ? 2.797   6.454   3.675  1.00 42.80  ? 4  DA  A N1    1 
ATOM   79  C  C2    . DA  A 1 4 ? 3.421   7.011   2.628  1.00 42.30  ? 4  DA  A C2    1 
ATOM   80  N  N3    . DA  A 1 4 ? 3.084   6.997   1.337  1.00 44.00  ? 4  DA  A N3    1 
ATOM   81  C  C4    . DA  A 1 4 ? 1.949   6.303   1.149  1.00 45.70  ? 4  DA  A C4    1 
ATOM   82  P  P     . DA  A 1 5 ? 4.445   4.423   -4.698 1.00 65.30  ? 5  DA  A P     1 
ATOM   83  O  OP1   . DA  A 1 5 ? 5.232   4.953   -5.850 1.00 66.00  ? 5  DA  A OP1   1 
ATOM   84  O  OP2   . DA  A 1 5 ? 3.694   3.144   -4.850 1.00 64.20  ? 5  DA  A OP2   1 
ATOM   85  O  "O5'" . DA  A 1 5 ? 5.450   4.341   -3.461 1.00 61.60  ? 5  DA  A "O5'" 1 
ATOM   86  C  "C5'" . DA  A 1 5 ? 6.296   5.443   -3.132 1.00 55.50  ? 5  DA  A "C5'" 1 
ATOM   87  C  "C4'" . DA  A 1 5 ? 6.992   5.175   -1.821 1.00 54.70  ? 5  DA  A "C4'" 1 
ATOM   88  O  "O4'" . DA  A 1 5 ? 6.043   5.305   -0.740 1.00 54.50  ? 5  DA  A "O4'" 1 
ATOM   89  C  "C3'" . DA  A 1 5 ? 7.516   3.749   -1.691 1.00 54.30  ? 5  DA  A "C3'" 1 
ATOM   90  O  "O3'" . DA  A 1 5 ? 8.825   3.628   -2.247 1.00 54.40  ? 5  DA  A "O3'" 1 
ATOM   91  C  "C2'" . DA  A 1 5 ? 7.543   3.550   -0.189 1.00 52.80  ? 5  DA  A "C2'" 1 
ATOM   92  C  "C1'" . DA  A 1 5 ? 6.311   4.320   0.265  1.00 51.90  ? 5  DA  A "C1'" 1 
ATOM   93  N  N9    . DA  A 1 5 ? 5.121   3.476   0.407  1.00 49.30  ? 5  DA  A N9    1 
ATOM   94  C  C8    . DA  A 1 5 ? 4.491   2.757   -0.574 1.00 49.00  ? 5  DA  A C8    1 
ATOM   95  N  N7    . DA  A 1 5 ? 3.449   2.085   -0.150 1.00 48.40  ? 5  DA  A N7    1 
ATOM   96  C  C5    . DA  A 1 5 ? 3.384   2.388   1.204  1.00 46.00  ? 5  DA  A C5    1 
ATOM   97  C  C6    . DA  A 1 5 ? 2.497   1.990   2.221  1.00 45.60  ? 5  DA  A C6    1 
ATOM   98  N  N6    . DA  A 1 5 ? 1.457   1.172   2.019  1.00 47.30  ? 5  DA  A N6    1 
ATOM   99  N  N1    . DA  A 1 5 ? 2.716   2.461   3.464  1.00 43.30  ? 5  DA  A N1    1 
ATOM   100 C  C2    . DA  A 1 5 ? 3.757   3.277   3.665  1.00 42.70  ? 5  DA  A C2    1 
ATOM   101 N  N3    . DA  A 1 5 ? 4.656   3.726   2.792  1.00 43.90  ? 5  DA  A N3    1 
ATOM   102 C  C4    . DA  A 1 5 ? 4.410   3.239   1.563  1.00 45.60  ? 5  DA  A C4    1 
ATOM   103 P  P     . DA  A 1 6 ? 9.250   2.264   -2.984 1.00 55.20  ? 6  DA  A P     1 
ATOM   104 O  OP1   . DA  A 1 6 ? 10.629  2.455   -3.495 1.00 57.80  ? 6  DA  A OP1   1 
ATOM   105 O  OP2   . DA  A 1 6 ? 8.164   1.864   -3.913 1.00 55.60  ? 6  DA  A OP2   1 
ATOM   106 O  "O5'" . DA  A 1 6 ? 9.322   1.197   -1.809 1.00 54.10  ? 6  DA  A "O5'" 1 
ATOM   107 C  "C5'" . DA  A 1 6 ? 10.405  1.220   -0.894 1.00 52.30  ? 6  DA  A "C5'" 1 
ATOM   108 C  "C4'" . DA  A 1 6 ? 10.586  -0.146  -0.285 1.00 52.00  ? 6  DA  A "C4'" 1 
ATOM   109 O  "O4'" . DA  A 1 6 ? 9.460   -0.450  0.568  1.00 50.60  ? 6  DA  A "O4'" 1 
ATOM   110 C  "C3'" . DA  A 1 6 ? 10.664  -1.290  -1.293 1.00 50.90  ? 6  DA  A "C3'" 1 
ATOM   111 O  "O3'" . DA  A 1 6 ? 11.555  -2.273  -0.764 1.00 52.30  ? 6  DA  A "O3'" 1 
ATOM   112 C  "C2'" . DA  A 1 6 ? 9.239   -1.813  -1.324 1.00 49.00  ? 6  DA  A "C2'" 1 
ATOM   113 C  "C1'" . DA  A 1 6 ? 8.817   -1.635  0.125  1.00 48.40  ? 6  DA  A "C1'" 1 
ATOM   114 N  N9    . DA  A 1 6 ? 7.387   -1.456  0.360  1.00 45.80  ? 6  DA  A N9    1 
ATOM   115 C  C8    . DA  A 1 6 ? 6.555   -0.528  -0.207 1.00 44.10  ? 6  DA  A C8    1 
ATOM   116 N  N7    . DA  A 1 6 ? 5.335   -0.550  0.269  1.00 43.40  ? 6  DA  A N7    1 
ATOM   117 C  C5    . DA  A 1 6 ? 5.357   -1.578  1.199  1.00 42.60  ? 6  DA  A C5    1 
ATOM   118 C  C6    . DA  A 1 6 ? 4.373   -2.097  2.059  1.00 40.70  ? 6  DA  A C6    1 
ATOM   119 N  N6    . DA  A 1 6 ? 3.127   -1.628  2.135  1.00 39.90  ? 6  DA  A N6    1 
ATOM   120 N  N1    . DA  A 1 6 ? 4.724   -3.126  2.855  1.00 41.80  ? 6  DA  A N1    1 
ATOM   121 C  C2    . DA  A 1 6 ? 5.980   -3.595  2.791  1.00 41.20  ? 6  DA  A C2    1 
ATOM   122 N  N3    . DA  A 1 6 ? 6.991   -3.187  2.030  1.00 42.80  ? 6  DA  A N3    1 
ATOM   123 C  C4    . DA  A 1 6 ? 6.610   -2.162  1.249  1.00 44.20  ? 6  DA  A C4    1 
ATOM   124 P  P     . DG  A 1 7 ? 12.205  -3.378  -1.729 1.00 53.20  ? 7  DG  A P     1 
ATOM   125 O  OP1   . DG  A 1 7 ? 13.545  -3.653  -1.141 1.00 52.60  ? 7  DG  A OP1   1 
ATOM   126 O  OP2   . DG  A 1 7 ? 12.079  -2.974  -3.158 1.00 50.40  ? 7  DG  A OP2   1 
ATOM   127 O  "O5'" . DG  A 1 7 ? 11.271  -4.645  -1.524 1.00 51.20  ? 7  DG  A "O5'" 1 
ATOM   128 C  "C5'" . DG  A 1 7 ? 11.153  -5.256  -0.247 1.00 53.10  ? 7  DG  A "C5'" 1 
ATOM   129 C  "C4'" . DG  A 1 7 ? 10.040  -6.275  -0.272 1.00 54.00  ? 7  DG  A "C4'" 1 
ATOM   130 O  "O4'" . DG  A 1 7 ? 8.749   -5.640  -0.137 1.00 53.10  ? 7  DG  A "O4'" 1 
ATOM   131 C  "C3'" . DG  A 1 7 ? 9.958   -7.072  -1.576 1.00 55.70  ? 7  DG  A "C3'" 1 
ATOM   132 O  "O3'" . DG  A 1 7 ? 9.441   -8.354  -1.261 1.00 58.90  ? 7  DG  A "O3'" 1 
ATOM   133 C  "C2'" . DG  A 1 7 ? 8.873   -6.338  -2.338 1.00 52.70  ? 7  DG  A "C2'" 1 
ATOM   134 C  "C1'" . DG  A 1 7 ? 7.929   -6.146  -1.180 1.00 51.60  ? 7  DG  A "C1'" 1 
ATOM   135 N  N9    . DG  A 1 7 ? 6.819   -5.226  -1.374 1.00 48.80  ? 7  DG  A N9    1 
ATOM   136 C  C8    . DG  A 1 7 ? 6.727   -4.179  -2.262 1.00 47.20  ? 7  DG  A C8    1 
ATOM   137 N  N7    . DG  A 1 7 ? 5.591   -3.549  -2.186 1.00 45.50  ? 7  DG  A N7    1 
ATOM   138 C  C5    . DG  A 1 7 ? 4.894   -4.219  -1.190 1.00 46.00  ? 7  DG  A C5    1 
ATOM   139 C  C6    . DG  A 1 7 ? 3.592   -3.993  -0.660 1.00 45.40  ? 7  DG  A C6    1 
ATOM   140 O  O6    . DG  A 1 7 ? 2.775   -3.110  -0.972 1.00 45.20  ? 7  DG  A O6    1 
ATOM   141 N  N1    . DG  A 1 7 ? 3.277   -4.921  0.336  1.00 45.30  ? 7  DG  A N1    1 
ATOM   142 C  C2    . DG  A 1 7 ? 4.119   -5.930  0.777  1.00 45.00  ? 7  DG  A C2    1 
ATOM   143 N  N2    . DG  A 1 7 ? 3.648   -6.729  1.752  1.00 43.80  ? 7  DG  A N2    1 
ATOM   144 N  N3    . DG  A 1 7 ? 5.333   -6.138  0.294  1.00 43.80  ? 7  DG  A N3    1 
ATOM   145 C  C4    . DG  A 1 7 ? 5.648   -5.256  -0.679 1.00 46.80  ? 7  DG  A C4    1 
ATOM   146 P  P     . DC  A 1 8 ? 10.267  -9.660  -1.664 1.00 62.20  ? 8  DC  A P     1 
ATOM   147 O  OP1   . DC  A 1 8 ? 11.588  -9.586  -0.970 1.00 62.90  ? 8  DC  A OP1   1 
ATOM   148 O  OP2   . DC  A 1 8 ? 10.206  -9.776  -3.150 1.00 59.80  ? 8  DC  A OP2   1 
ATOM   149 O  "O5'" . DC  A 1 8 ? 9.425   -10.817 -0.980 1.00 59.40  ? 8  DC  A "O5'" 1 
ATOM   150 C  "C5'" . DC  A 1 8 ? 9.040   -10.706 0.384  1.00 58.00  ? 8  DC  A "C5'" 1 
ATOM   151 C  "C4'" . DC  A 1 8 ? 7.576   -11.040 0.525  1.00 56.80  ? 8  DC  A "C4'" 1 
ATOM   152 O  "O4'" . DC  A 1 8 ? 6.759   -9.958  0.016  1.00 55.10  ? 8  DC  A "O4'" 1 
ATOM   153 C  "C3'" . DC  A 1 8 ? 7.168   -12.294 -0.256 1.00 56.70  ? 8  DC  A "C3'" 1 
ATOM   154 O  "O3'" . DC  A 1 8 ? 6.437   -13.151 0.620  1.00 57.20  ? 8  DC  A "O3'" 1 
ATOM   155 C  "C2'" . DC  A 1 8 ? 6.303   -11.759 -1.388 1.00 55.30  ? 8  DC  A "C2'" 1 
ATOM   156 C  "C1'" . DC  A 1 8 ? 5.711   -10.508 -0.765 1.00 54.40  ? 8  DC  A "C1'" 1 
ATOM   157 N  N1    . DC  A 1 8 ? 5.259   -9.468  -1.703 1.00 51.30  ? 8  DC  A N1    1 
ATOM   158 C  C2    . DC  A 1 8 ? 3.999   -8.890  -1.503 1.00 50.10  ? 8  DC  A C2    1 
ATOM   159 O  O2    . DC  A 1 8 ? 3.280   -9.326  -0.586 1.00 50.20  ? 8  DC  A O2    1 
ATOM   160 N  N3    . DC  A 1 8 ? 3.599   -7.877  -2.310 1.00 47.30  ? 8  DC  A N3    1 
ATOM   161 C  C4    . DC  A 1 8 ? 4.400   -7.453  -3.288 1.00 47.20  ? 8  DC  A C4    1 
ATOM   162 N  N4    . DC  A 1 8 ? 3.985   -6.437  -4.040 1.00 45.50  ? 8  DC  A N4    1 
ATOM   163 C  C5    . DC  A 1 8 ? 5.671   -8.050  -3.536 1.00 49.00  ? 8  DC  A C5    1 
ATOM   164 C  C6    . DC  A 1 8 ? 6.056   -9.047  -2.729 1.00 49.40  ? 8  DC  A C6    1 
ATOM   165 P  P     . DT  A 1 9 ? 6.020   -14.623 0.144  1.00 57.20  ? 9  DT  A P     1 
ATOM   166 O  OP1   . DT  A 1 9 ? 6.249   -15.516 1.312  1.00 58.70  ? 9  DT  A OP1   1 
ATOM   167 O  OP2   . DT  A 1 9 ? 6.657   -14.941 -1.173 1.00 57.60  ? 9  DT  A OP2   1 
ATOM   168 O  "O5'" . DT  A 1 9 ? 4.442   -14.505 -0.035 1.00 56.00  ? 9  DT  A "O5'" 1 
ATOM   169 C  "C5'" . DT  A 1 9 ? 3.596   -14.324 1.106  1.00 52.00  ? 9  DT  A "C5'" 1 
ATOM   170 C  "C4'" . DT  A 1 9 ? 2.177   -14.069 0.662  1.00 50.90  ? 9  DT  A "C4'" 1 
ATOM   171 O  "O4'" . DT  A 1 9 ? 2.091   -12.783 0.018  1.00 49.20  ? 9  DT  A "O4'" 1 
ATOM   172 C  "C3'" . DT  A 1 9 ? 1.692   -15.068 -0.378 1.00 50.20  ? 9  DT  A "C3'" 1 
ATOM   173 O  "O3'" . DT  A 1 9 ? 1.141   -16.187 0.324  1.00 55.10  ? 9  DT  A "O3'" 1 
ATOM   174 C  "C2'" . DT  A 1 9 ? 0.685   -14.275 -1.193 1.00 50.30  ? 9  DT  A "C2'" 1 
ATOM   175 C  "C1'" . DT  A 1 9 ? 1.068   -12.812 -0.964 1.00 46.80  ? 9  DT  A "C1'" 1 
ATOM   176 N  N1    . DT  A 1 9 ? 1.560   -12.086 -2.152 1.00 45.20  ? 9  DT  A N1    1 
ATOM   177 C  C2    . DT  A 1 9 ? 0.794   -11.033 -2.598 1.00 44.50  ? 9  DT  A C2    1 
ATOM   178 O  O2    . DT  A 1 9 ? -0.279  -10.733 -2.094 1.00 45.00  ? 9  DT  A O2    1 
ATOM   179 N  N3    . DT  A 1 9 ? 1.327   -10.338 -3.658 1.00 43.20  ? 9  DT  A N3    1 
ATOM   180 C  C4    . DT  A 1 9 ? 2.523   -10.586 -4.300 1.00 42.90  ? 9  DT  A C4    1 
ATOM   181 O  O4    . DT  A 1 9 ? 2.896   -9.834  -5.199 1.00 42.00  ? 9  DT  A O4    1 
ATOM   182 C  C5    . DT  A 1 9 ? 3.259   -11.747 -3.813 1.00 42.60  ? 9  DT  A C5    1 
ATOM   183 C  C7    . DT  A 1 9 ? 4.539   -12.130 -4.489 1.00 41.20  ? 9  DT  A C7    1 
ATOM   184 C  C6    . DT  A 1 9 ? 2.747   -12.427 -2.775 1.00 42.10  ? 9  DT  A C6    1 
HETATM 185 MG MG    . MG  B 2 . ? -4.786  -12.426 -0.767 0.50 138.90 ? 10 MG  A MG    1 
HETATM 186 MG MG    . MG  C 2 . ? -10.044 2.301   4.478  1.00 102.80 ? 11 MG  A MG    1 
HETATM 187 CO CO    . NCO D 3 . ? 2.485   -0.947  -4.468 0.50 54.80  ? 12 NCO A CO    1 
HETATM 188 N  N1    . NCO D 3 . ? 1.342   -1.857  -5.762 0.50 53.20  ? 12 NCO A N1    1 
HETATM 189 N  N2    . NCO D 3 . ? 3.659   -0.417  -5.925 0.50 54.20  ? 12 NCO A N2    1 
HETATM 190 N  N3    . NCO D 3 . ? 3.509   -2.586  -4.246 0.50 54.80  ? 12 NCO A N3    1 
HETATM 191 N  N4    . NCO D 3 . ? 1.304   -1.501  -3.038 0.50 54.80  ? 12 NCO A N4    1 
HETATM 192 N  N5    . NCO D 3 . ? 1.444   0.670   -4.712 0.50 54.20  ? 12 NCO A N5    1 
HETATM 193 N  N6    . NCO D 3 . ? 3.652   -0.046  -3.199 0.50 53.20  ? 12 NCO A N6    1 
HETATM 194 O  O     . HOH E 4 . ? 1.161   0.615   -0.994 1.00 43.80  ? 13 HOH A O     1 
HETATM 195 O  O     . HOH E 4 . ? -10.318 6.869   4.839  1.00 58.90  ? 14 HOH A O     1 
HETATM 196 O  O     . HOH E 4 . ? 6.679   -0.345  -3.668 1.00 59.50  ? 15 HOH A O     1 
HETATM 197 O  O     . HOH E 4 . ? -4.164  -8.791  -2.154 1.00 61.10  ? 16 HOH A O     1 
HETATM 198 O  O     . HOH E 4 . ? 13.451  1.352   -5.209 1.00 54.80  ? 17 HOH A O     1 
HETATM 199 O  O     . HOH E 4 . ? -4.530  8.080   6.729  1.00 41.00  ? 18 HOH A O     1 
HETATM 200 O  O     . HOH E 4 . ? 6.650   5.686   4.112  1.00 64.40  ? 19 HOH A O     1 
HETATM 201 O  O     . HOH E 4 . ? -4.660  -13.025 1.133  0.50 138.90 ? 20 HOH A O     1 
HETATM 202 O  O     . HOH E 4 . ? -6.762  -12.736 -0.736 0.50 138.90 ? 21 HOH A O     1 
HETATM 203 O  O     . HOH E 4 . ? -4.500  -14.311 -1.369 0.50 138.90 ? 22 HOH A O     1 
HETATM 204 O  O     . HOH E 4 . ? -4.915  -11.839 -2.671 0.50 138.70 ? 23 HOH A O     1 
HETATM 205 O  O     . HOH E 4 . ? -2.814  -12.102 -0.797 0.50 138.70 ? 24 HOH A O     1 
HETATM 206 O  O     . HOH E 4 . ? -5.064  -10.541 -0.166 0.50 139.00 ? 25 HOH A O     1 
HETATM 207 O  O     . HOH E 4 . ? -9.609  0.388   4.086  1.00 102.40 ? 26 HOH A O     1 
HETATM 208 O  O     . HOH E 4 . ? -9.440  2.817   2.639  1.00 102.60 ? 27 HOH A O     1 
HETATM 209 O  O     . HOH E 4 . ? -8.187  2.568   5.167  1.00 102.80 ? 28 HOH A O     1 
HETATM 210 O  O     . HOH E 4 . ? -10.487 4.210   4.872  1.00 102.70 ? 29 HOH A O     1 
HETATM 211 O  O     . HOH E 4 . ? -10.655 1.801   6.319  1.00 102.50 ? 30 HOH A O     1 
HETATM 212 O  O     . HOH E 4 . ? -11.895 2.023   3.783  1.00 102.70 ? 31 HOH A O     1 
# 
